data_8VY9
#
_entry.id   8VY9
#
_cell.length_a   1.00
_cell.length_b   1.00
_cell.length_c   1.00
_cell.angle_alpha   90.00
_cell.angle_beta   90.00
_cell.angle_gamma   90.00
#
_symmetry.space_group_name_H-M   'P 1'
#
loop_
_entity.id
_entity.type
_entity.pdbx_description
1 polymer 'Guanine nucleotide-binding protein G(t) subunit alpha-3'
2 polymer 'Guanine nucleotide-binding protein G(I)/G(S)/G(T) subunit beta-1'
3 polymer 'Guanine nucleotide-binding protein G(I)/G(S)/G(O) subunit gamma-2'
4 polymer scFv16
5 polymer 'Taste receptor type 2 member 14,GPCR,Taste receptor type 2 member 14'
6 non-polymer 4-methyl-N-[(2M)-2-(1H-tetrazol-5-yl)phenyl]-6-(trifluoromethyl)pyrimidin-2-amine
7 non-polymer CHOLESTEROL
#
loop_
_entity_poly.entity_id
_entity_poly.type
_entity_poly.pdbx_seq_one_letter_code
_entity_poly.pdbx_strand_id
1 'polypeptide(L)'
;MGSTVSAEDKAAAERSKMIDKNLREDAERDARTVKLLLLGAGESGKATIVKQQMKIIHKNGYSEQECMEFKAVIYSNTLQ
SILAIVKAMTTLGIDYVNPRSAEDQRQLYAMANTLEDGGMTPQLAEVIKRLWRDPGIQACFERASEYQLNDSAAYYLNDL
DRITASGYVPNEQDVLHSRVKTTGIIETQFSFKDLHFRMFDVGAQRSERKKWIHCFEGVTCIIFCAALSAYDMVLVEDEE
VNRMHASLKLFDSICNHKYFSDTSIVLFLNKKDIFQEKVTKVHLSICFPEYTGPNTFEDAGNYIKNQFLDLNLKKEDKEI
YSHMTCSTDTQNVKFVFDAVTDIIIKENLKDCGLF
;
A
2 'polypeptide(L)'
;MHHHHHHLEVLFQGPGSSGSELDQLRQEAEQLKNQIRDARKACADATLSQITNNIDPVGRIQMRTRRTLRGHLAKIYAMH
WGTDSRLLVSASQDGKLIIWDSYTTNKVHAIPLRSSWVMTCAYAPSGNYVACGGLDNICSIYNLKTREGNVRVSRELAGH
TGYLSCCRFLDDNQIVTSSGDTTCALWDIETGQQTTTFTGHTGDVMSLSLAPDTRLFVSGACDASAKLWDVREGMCRQTF
TGHESDINAICFFPNGNAFATGSDDATCRLFDLRADQELMTYSHDNIICGITSVSFSKSGRLLLAGYDDFNCNVWDALKA
DRAGVLAGHDNRVSCLGVTDDGMAVATGSWDSFLKIWNGGSGGGGSGGSSSGGGGSGGGGSGGSSSGGVSGWRLFKKISG
GS
;
B
3 'polypeptide(L)' MASNNTASIAQARKLVEQLKMEANIDRIKVSKAAADLMAYCEAHAKEDPLLTPVPASENPFREKKFFCAIL C
4 'polypeptide(L)'
;DVQLVESGGGLVQPGGSRKLSCSASGFAFSSFGMHWVRQAPEKGLEWVAYISSGSGTIYYADTVKGRFTISRDDPKNTLF
LQMTSLRSEDTAMYYCVRSIYYYGSSPFDFWGQGTTLTVSSGGGGSGGGGSGGGGSDIVMTQATSSVPVTPGESVSISCR
SSKSLLHSNGNTYLYWFLQRPGQSPQLLIYRMSNLASGVPDRFSGSGSGTAFTLTISRLEAEDVGVYYCMQHLEYPLTFG
AGTKLELKAAALEVLFQGPHHHHHHHH
;
D
5 'polypeptide(L)'
;DYKDDDDAKLQTMHHHHHHHHHHENLYFQGGTTMADLEDNWETLNDNLKVIEKADNAAQVKDALTKMRAAALDAQKATPP
KLEDKSPDSPEMKDFRHGFDILVGQIDDALKLANEGKVKEAQAAAEQLKTTRNAYIQKYLGSTLEVLFQGPMGGVIKSIF
TFVLIVEFIIGNLGNSFIALVNCIDWVKGRKISSVDRILTALAISRISLVWLIFGSWCVSVFFPALFATEKMFRMLTNIW
TVINHFSVWLATGLGTFYFLKIANFSNSIFLYLKWRVKKVVLVLLLVTSVFLFLNIALINIHINASINGYRRNKTCSSDS
SNFTRFSSLIVLTSTVFIFIPFTLSLAMFLLLIFSMWKHRKKMQHTVKISGDASTRAHRGVKSVITFFLLYAIFSLSFFI
SVWTSERLEENLIILSQVMGMAYPSCHSCVLILGNKKLRQASLSVLLWLRYMFKDGEPSGHKEFRESSGSAGSAGSGGSG
GGSGGGGSGGSSSGGVFTLEDFVGDWEQTAAYNLDQVLEQGGVSSLLQNLAVSVTPIQRIVRSGENALKIDIHVIIPYEG
LSADQMAQIEEVFKVVYPVDDHHFKVILPYGTLVIDGVTPNMLNYFGRPYEGIAVFDGKKITVTGTLWNGNKIIDERLIT
PDGSMLFRVTINS
;
R
#
loop_
_chem_comp.id
_chem_comp.type
_chem_comp.name
_chem_comp.formula
A1AEI non-polymer 4-methyl-N-[(2M)-2-(1H-tetrazol-5-yl)phenyl]-6-(trifluoromethyl)pyrimidin-2-amine 'C13 H10 F3 N7'
CLR non-polymer CHOLESTEROL 'C27 H46 O'
#
# COMPACT_ATOMS: atom_id res chain seq x y z
N VAL A 5 27.56 -3.93 -3.59
CA VAL A 5 26.41 -4.81 -3.71
C VAL A 5 26.84 -6.15 -4.34
N SER A 6 26.37 -7.24 -3.75
CA SER A 6 26.75 -8.57 -4.22
C SER A 6 25.90 -8.98 -5.41
N ALA A 7 26.27 -10.12 -6.01
CA ALA A 7 25.47 -10.68 -7.09
C ALA A 7 24.11 -11.15 -6.58
N GLU A 8 24.10 -11.77 -5.39
CA GLU A 8 22.85 -12.25 -4.82
C GLU A 8 21.94 -11.09 -4.41
N ASP A 9 22.52 -10.00 -3.91
CA ASP A 9 21.72 -8.83 -3.56
C ASP A 9 21.16 -8.15 -4.81
N LYS A 10 21.93 -8.15 -5.90
CA LYS A 10 21.44 -7.63 -7.17
C LYS A 10 20.28 -8.47 -7.70
N ALA A 11 20.40 -9.79 -7.62
CA ALA A 11 19.31 -10.65 -8.08
C ALA A 11 18.09 -10.54 -7.17
N ALA A 12 18.30 -10.29 -5.87
CA ALA A 12 17.17 -10.05 -4.97
C ALA A 12 16.47 -8.74 -5.30
N ALA A 13 17.25 -7.71 -5.68
CA ALA A 13 16.66 -6.45 -6.11
C ALA A 13 15.87 -6.63 -7.40
N GLU A 14 16.36 -7.46 -8.31
CA GLU A 14 15.62 -7.77 -9.53
C GLU A 14 14.33 -8.51 -9.22
N ARG A 15 14.37 -9.43 -8.25
CA ARG A 15 13.16 -10.13 -7.81
C ARG A 15 12.16 -9.16 -7.21
N SER A 16 12.63 -8.20 -6.43
CA SER A 16 11.75 -7.18 -5.85
C SER A 16 11.14 -6.32 -6.94
N LYS A 17 11.91 -6.00 -7.98
CA LYS A 17 11.36 -5.23 -9.10
C LYS A 17 10.30 -6.02 -9.87
N MET A 18 10.51 -7.33 -10.03
CA MET A 18 9.49 -8.17 -10.65
C MET A 18 8.22 -8.22 -9.81
N ILE A 19 8.37 -8.30 -8.48
CA ILE A 19 7.21 -8.29 -7.59
C ILE A 19 6.47 -6.96 -7.69
N ASP A 20 7.21 -5.85 -7.75
CA ASP A 20 6.60 -4.53 -7.93
C ASP A 20 5.84 -4.44 -9.24
N LYS A 21 6.41 -4.99 -10.32
CA LYS A 21 5.73 -4.98 -11.61
C LYS A 21 4.44 -5.80 -11.58
N ASN A 22 4.47 -6.96 -10.90
CA ASN A 22 3.27 -7.78 -10.78
C ASN A 22 2.19 -7.08 -9.96
N LEU A 23 2.58 -6.40 -8.88
CA LEU A 23 1.62 -5.65 -8.08
C LEU A 23 1.02 -4.49 -8.87
N ARG A 24 1.85 -3.81 -9.67
CA ARG A 24 1.36 -2.69 -10.46
C ARG A 24 0.40 -3.15 -11.56
N GLU A 25 0.69 -4.28 -12.21
CA GLU A 25 -0.23 -4.75 -13.24
C GLU A 25 -1.51 -5.32 -12.64
N ASP A 26 -1.42 -5.88 -11.43
CA ASP A 26 -2.64 -6.29 -10.72
C ASP A 26 -3.50 -5.07 -10.37
N ALA A 27 -2.86 -3.97 -9.97
CA ALA A 27 -3.58 -2.72 -9.72
C ALA A 27 -4.23 -2.20 -11.00
N GLU A 28 -3.52 -2.29 -12.12
CA GLU A 28 -4.10 -1.85 -13.40
C GLU A 28 -5.29 -2.71 -13.79
N ARG A 29 -5.24 -4.01 -13.52
CA ARG A 29 -6.35 -4.88 -13.83
C ARG A 29 -7.54 -4.63 -12.90
N ASP A 30 -7.28 -4.31 -11.63
CA ASP A 30 -8.35 -4.14 -10.66
C ASP A 30 -8.83 -2.69 -10.52
N ALA A 31 -8.26 -1.76 -11.30
CA ALA A 31 -8.73 -0.38 -11.24
C ALA A 31 -10.12 -0.20 -11.82
N ARG A 32 -10.52 -1.07 -12.75
CA ARG A 32 -11.81 -0.94 -13.40
C ARG A 32 -12.95 -1.60 -12.64
N THR A 33 -12.68 -2.23 -11.50
CA THR A 33 -13.72 -2.86 -10.69
C THR A 33 -14.31 -1.87 -9.70
N VAL A 34 -15.58 -2.06 -9.39
CA VAL A 34 -16.34 -1.18 -8.51
C VAL A 34 -16.75 -1.99 -7.28
N LYS A 35 -16.36 -1.52 -6.10
CA LYS A 35 -16.64 -2.21 -4.85
C LYS A 35 -17.89 -1.61 -4.21
N LEU A 36 -18.82 -2.47 -3.83
CA LEU A 36 -20.09 -2.05 -3.24
C LEU A 36 -20.35 -2.82 -1.95
N LEU A 37 -21.09 -2.20 -1.05
CA LEU A 37 -21.47 -2.81 0.22
C LEU A 37 -22.99 -2.84 0.31
N LEU A 38 -23.53 -4.02 0.58
CA LEU A 38 -24.97 -4.19 0.73
C LEU A 38 -25.32 -4.24 2.21
N LEU A 39 -26.25 -3.40 2.63
CA LEU A 39 -26.69 -3.33 4.01
C LEU A 39 -28.21 -3.36 4.05
N GLY A 40 -28.76 -3.91 5.12
CA GLY A 40 -30.20 -3.98 5.26
C GLY A 40 -30.58 -4.68 6.54
N ALA A 41 -31.89 -4.78 6.74
CA ALA A 41 -32.45 -5.48 7.89
C ALA A 41 -32.52 -6.97 7.59
N GLY A 42 -33.23 -7.72 8.42
CA GLY A 42 -33.36 -9.14 8.23
C GLY A 42 -34.19 -9.52 7.02
N GLU A 43 -35.49 -9.29 7.08
CA GLU A 43 -36.36 -9.52 5.93
C GLU A 43 -36.61 -8.19 5.20
N SER A 44 -35.52 -7.64 4.67
CA SER A 44 -35.56 -6.38 3.93
C SER A 44 -35.39 -6.58 2.43
N GLY A 45 -35.43 -7.82 1.96
CA GLY A 45 -35.25 -8.08 0.55
C GLY A 45 -33.83 -8.06 0.07
N LYS A 46 -32.87 -8.36 0.95
CA LYS A 46 -31.49 -8.49 0.52
C LYS A 46 -31.31 -9.70 -0.40
N ALA A 47 -32.02 -10.79 -0.12
CA ALA A 47 -31.93 -11.98 -0.96
C ALA A 47 -32.56 -11.76 -2.32
N THR A 48 -33.58 -10.90 -2.40
CA THR A 48 -34.22 -10.60 -3.68
C THR A 48 -33.38 -9.67 -4.55
N ILE A 49 -32.37 -9.03 -4.00
CA ILE A 49 -31.50 -8.15 -4.76
C ILE A 49 -30.26 -8.88 -5.26
N VAL A 50 -29.64 -9.71 -4.41
CA VAL A 50 -28.49 -10.51 -4.82
C VAL A 50 -28.90 -11.51 -5.90
N LYS A 51 -30.12 -12.05 -5.79
CA LYS A 51 -30.66 -12.89 -6.85
C LYS A 51 -31.03 -12.11 -8.10
N GLN A 52 -31.02 -10.78 -8.04
CA GLN A 52 -31.43 -9.95 -9.17
C GLN A 52 -30.25 -9.37 -9.93
N GLN A 53 -29.09 -9.24 -9.31
CA GLN A 53 -27.89 -8.89 -10.06
C GLN A 53 -27.13 -10.09 -10.61
N MET A 54 -27.52 -11.30 -10.24
CA MET A 54 -26.84 -12.49 -10.76
C MET A 54 -27.82 -13.39 -11.51
N THR A 182 -21.68 -18.21 10.45
CA THR A 182 -20.27 -18.55 10.61
C THR A 182 -19.53 -18.47 9.29
N THR A 183 -20.27 -18.16 8.21
CA THR A 183 -19.64 -18.04 6.90
C THR A 183 -18.81 -16.77 6.78
N GLY A 184 -19.33 -15.67 7.29
CA GLY A 184 -18.62 -14.39 7.25
C GLY A 184 -19.13 -13.50 6.12
N ILE A 185 -18.22 -13.05 5.29
CA ILE A 185 -18.59 -12.24 4.14
C ILE A 185 -19.12 -13.13 3.03
N ILE A 186 -19.96 -12.54 2.18
CA ILE A 186 -20.41 -13.18 0.95
C ILE A 186 -20.15 -12.18 -0.18
N GLU A 187 -19.36 -12.57 -1.15
CA GLU A 187 -19.00 -11.70 -2.26
C GLU A 187 -19.80 -12.11 -3.50
N THR A 188 -20.54 -11.17 -4.06
CA THR A 188 -21.33 -11.38 -5.27
C THR A 188 -20.69 -10.59 -6.40
N GLN A 189 -20.35 -11.27 -7.48
CA GLN A 189 -19.69 -10.67 -8.63
C GLN A 189 -20.64 -10.64 -9.82
N PHE A 190 -20.71 -9.50 -10.49
CA PHE A 190 -21.54 -9.35 -11.67
C PHE A 190 -21.04 -8.19 -12.49
N SER A 191 -21.32 -8.23 -13.80
CA SER A 191 -20.82 -7.25 -14.74
C SER A 191 -21.97 -6.67 -15.55
N PHE A 192 -21.81 -5.41 -15.95
CA PHE A 192 -22.81 -4.73 -16.77
C PHE A 192 -22.12 -3.62 -17.55
N LYS A 193 -21.91 -3.85 -18.85
CA LYS A 193 -21.43 -2.84 -19.81
C LYS A 193 -20.07 -2.27 -19.40
N ASP A 194 -19.06 -3.15 -19.43
CA ASP A 194 -17.66 -2.82 -19.19
C ASP A 194 -17.41 -2.27 -17.80
N LEU A 195 -18.21 -2.70 -16.82
CA LEU A 195 -17.95 -2.44 -15.42
C LEU A 195 -18.14 -3.72 -14.63
N HIS A 196 -17.22 -3.97 -13.70
CA HIS A 196 -17.26 -5.16 -12.86
C HIS A 196 -17.55 -4.75 -11.43
N PHE A 197 -18.50 -5.44 -10.80
CA PHE A 197 -18.96 -5.11 -9.48
C PHE A 197 -18.68 -6.24 -8.51
N ARG A 198 -18.41 -5.88 -7.25
CA ARG A 198 -18.15 -6.84 -6.18
C ARG A 198 -18.96 -6.41 -4.97
N MET A 199 -20.20 -6.88 -4.87
CA MET A 199 -20.99 -6.62 -3.68
C MET A 199 -20.48 -7.45 -2.50
N PHE A 200 -20.57 -6.89 -1.31
CA PHE A 200 -20.13 -7.54 -0.09
C PHE A 200 -21.29 -7.55 0.89
N ASP A 201 -21.63 -8.73 1.41
CA ASP A 201 -22.68 -8.89 2.40
C ASP A 201 -22.03 -9.14 3.75
N VAL A 202 -22.42 -8.35 4.75
CA VAL A 202 -21.82 -8.44 6.07
C VAL A 202 -22.87 -8.90 7.08
N GLY A 203 -23.90 -9.60 6.59
CA GLY A 203 -24.96 -10.08 7.47
C GLY A 203 -24.54 -11.22 8.38
N ALA A 204 -23.51 -11.96 8.01
CA ALA A 204 -23.03 -13.04 8.86
C ALA A 204 -22.21 -12.61 10.05
N GLN A 205 -21.80 -11.34 10.08
CA GLN A 205 -21.04 -10.79 11.20
C GLN A 205 -22.03 -10.20 12.21
N ARG A 206 -22.32 -10.96 13.26
CA ARG A 206 -23.26 -10.53 14.29
C ARG A 206 -22.56 -9.81 15.44
N SER A 207 -21.28 -9.50 15.31
CA SER A 207 -20.53 -8.81 16.35
C SER A 207 -20.82 -7.31 16.27
N GLU A 208 -20.04 -6.52 17.00
CA GLU A 208 -20.18 -5.07 16.97
C GLU A 208 -19.74 -4.52 15.63
N ARG A 209 -20.59 -3.70 15.01
CA ARG A 209 -20.32 -3.21 13.66
C ARG A 209 -19.24 -2.14 13.62
N LYS A 210 -19.02 -1.43 14.73
CA LYS A 210 -18.08 -0.33 14.72
C LYS A 210 -16.62 -0.77 14.68
N LYS A 211 -16.34 -2.06 14.86
CA LYS A 211 -14.97 -2.55 14.93
C LYS A 211 -14.47 -3.11 13.62
N TRP A 212 -15.31 -3.19 12.58
CA TRP A 212 -14.86 -3.62 11.27
C TRP A 212 -15.45 -2.82 10.12
N ILE A 213 -16.23 -1.78 10.39
CA ILE A 213 -16.81 -0.98 9.31
C ILE A 213 -15.81 -0.04 8.66
N HIS A 214 -14.65 0.16 9.27
CA HIS A 214 -13.61 0.97 8.65
C HIS A 214 -12.92 0.25 7.50
N CYS A 215 -13.13 -1.06 7.37
CA CYS A 215 -12.59 -1.78 6.23
C CYS A 215 -13.24 -1.33 4.93
N PHE A 216 -14.49 -0.88 4.98
CA PHE A 216 -15.23 -0.46 3.80
C PHE A 216 -15.23 1.05 3.62
N GLU A 217 -14.12 1.71 3.98
CA GLU A 217 -14.07 3.17 3.87
C GLU A 217 -13.90 3.62 2.42
N GLY A 218 -13.36 2.76 1.57
CA GLY A 218 -13.08 3.16 0.20
C GLY A 218 -14.06 2.62 -0.83
N VAL A 219 -15.24 2.20 -0.38
CA VAL A 219 -16.21 1.64 -1.31
C VAL A 219 -16.84 2.74 -2.14
N THR A 220 -17.30 2.37 -3.33
CA THR A 220 -17.92 3.34 -4.22
C THR A 220 -19.32 3.71 -3.78
N CYS A 221 -20.11 2.73 -3.33
CA CYS A 221 -21.48 3.01 -2.94
C CYS A 221 -21.92 2.01 -1.88
N ILE A 222 -23.01 2.37 -1.20
CA ILE A 222 -23.67 1.50 -0.23
C ILE A 222 -25.08 1.24 -0.75
N ILE A 223 -25.39 -0.02 -1.04
CA ILE A 223 -26.76 -0.39 -1.37
C ILE A 223 -27.51 -0.69 -0.08
N PHE A 224 -28.51 0.13 0.21
CA PHE A 224 -29.36 -0.06 1.39
C PHE A 224 -30.72 -0.55 0.94
N CYS A 225 -31.15 -1.67 1.51
CA CYS A 225 -32.43 -2.28 1.18
C CYS A 225 -33.37 -2.12 2.37
N ALA A 226 -34.53 -1.51 2.13
CA ALA A 226 -35.55 -1.34 3.14
C ALA A 226 -36.88 -1.76 2.56
N ALA A 227 -37.71 -2.38 3.39
CA ALA A 227 -38.99 -2.92 2.94
C ALA A 227 -40.09 -1.89 3.12
N LEU A 228 -40.85 -1.66 2.05
CA LEU A 228 -42.02 -0.79 2.13
C LEU A 228 -43.19 -1.46 2.83
N SER A 229 -43.15 -2.78 2.99
CA SER A 229 -44.25 -3.54 3.59
C SER A 229 -44.11 -3.65 5.10
N ALA A 230 -43.46 -2.68 5.74
CA ALA A 230 -43.19 -2.67 7.17
C ALA A 230 -44.10 -1.69 7.92
N TYR A 231 -45.41 -1.69 7.58
CA TYR A 231 -46.38 -0.86 8.29
C TYR A 231 -46.39 -1.17 9.80
N ASP A 232 -46.59 -2.43 10.17
CA ASP A 232 -46.57 -2.78 11.58
C ASP A 232 -45.40 -3.69 11.94
N MET A 233 -45.35 -4.91 11.38
CA MET A 233 -44.19 -5.79 11.22
C MET A 233 -43.20 -5.75 12.39
N VAL A 234 -43.68 -6.18 13.55
CA VAL A 234 -42.84 -6.24 14.73
C VAL A 234 -41.70 -7.24 14.52
N LEU A 235 -40.59 -7.01 15.22
CA LEU A 235 -39.36 -7.75 14.99
C LEU A 235 -39.43 -9.14 15.63
N VAL A 236 -38.31 -9.85 15.62
CA VAL A 236 -38.23 -11.14 16.30
C VAL A 236 -38.27 -10.98 17.81
N GLU A 237 -37.92 -9.80 18.33
CA GLU A 237 -38.08 -9.53 19.75
C GLU A 237 -39.55 -9.49 20.15
N ASP A 238 -40.41 -9.02 19.23
CA ASP A 238 -41.87 -8.91 19.37
C ASP A 238 -42.29 -7.87 20.41
N GLU A 239 -41.43 -6.91 20.73
CA GLU A 239 -41.87 -5.70 21.42
C GLU A 239 -41.43 -4.42 20.73
N GLU A 240 -40.63 -4.51 19.66
CA GLU A 240 -40.23 -3.32 18.93
C GLU A 240 -41.43 -2.71 18.20
N VAL A 241 -41.34 -1.42 17.91
CA VAL A 241 -42.46 -0.71 17.31
C VAL A 241 -42.68 -1.14 15.88
N ASN A 242 -41.69 -0.93 15.02
CA ASN A 242 -41.81 -1.26 13.61
C ASN A 242 -40.46 -1.70 13.08
N ARG A 243 -40.50 -2.43 11.96
CA ARG A 243 -39.28 -2.65 11.20
C ARG A 243 -38.82 -1.38 10.50
N MET A 244 -39.76 -0.48 10.23
CA MET A 244 -39.43 0.81 9.62
C MET A 244 -38.56 1.65 10.56
N HIS A 245 -38.86 1.64 11.85
CA HIS A 245 -38.08 2.43 12.79
C HIS A 245 -36.66 1.88 12.94
N ALA A 246 -36.52 0.56 12.92
CA ALA A 246 -35.19 -0.05 12.93
C ALA A 246 -34.44 0.26 11.64
N SER A 247 -35.15 0.30 10.51
CA SER A 247 -34.53 0.66 9.24
C SER A 247 -34.03 2.09 9.25
N LEU A 248 -34.83 3.03 9.78
CA LEU A 248 -34.37 4.42 9.90
C LEU A 248 -33.23 4.56 10.90
N LYS A 249 -33.22 3.74 11.95
CA LYS A 249 -32.10 3.77 12.89
C LYS A 249 -30.81 3.30 12.23
N LEU A 250 -30.90 2.24 11.42
CA LEU A 250 -29.72 1.78 10.68
C LEU A 250 -29.29 2.80 9.64
N PHE A 251 -30.26 3.50 9.03
CA PHE A 251 -29.92 4.56 8.08
C PHE A 251 -29.20 5.72 8.77
N ASP A 252 -29.65 6.08 9.98
CA ASP A 252 -28.92 7.06 10.78
C ASP A 252 -27.52 6.58 11.12
N SER A 253 -27.37 5.29 11.41
CA SER A 253 -26.07 4.76 11.75
C SER A 253 -25.12 4.76 10.55
N ILE A 254 -25.65 4.58 9.35
CA ILE A 254 -24.80 4.43 8.17
C ILE A 254 -24.54 5.77 7.48
N CYS A 255 -25.59 6.56 7.21
CA CYS A 255 -25.41 7.77 6.41
C CYS A 255 -24.66 8.86 7.16
N ASN A 256 -24.82 8.93 8.48
CA ASN A 256 -24.13 9.91 9.30
C ASN A 256 -22.91 9.32 10.00
N HIS A 257 -22.35 8.24 9.47
CA HIS A 257 -21.19 7.61 10.07
C HIS A 257 -19.94 8.41 9.75
N LYS A 258 -18.89 8.18 10.55
CA LYS A 258 -17.64 8.92 10.37
C LYS A 258 -16.90 8.47 9.11
N TYR A 259 -16.96 7.17 8.80
CA TYR A 259 -16.24 6.62 7.65
C TYR A 259 -17.04 6.70 6.36
N PHE A 260 -18.31 7.11 6.42
CA PHE A 260 -19.14 7.21 5.23
C PHE A 260 -19.68 8.63 5.06
N SER A 261 -18.82 9.63 5.22
CA SER A 261 -19.26 11.02 5.11
C SER A 261 -19.56 11.39 3.65
N ASP A 262 -18.74 10.90 2.72
CA ASP A 262 -18.91 11.25 1.31
C ASP A 262 -19.27 10.05 0.44
N THR A 263 -19.60 8.91 1.04
CA THR A 263 -19.95 7.71 0.27
C THR A 263 -21.44 7.73 -0.04
N SER A 264 -21.77 7.67 -1.32
CA SER A 264 -23.15 7.76 -1.74
C SER A 264 -23.91 6.47 -1.42
N ILE A 265 -25.24 6.59 -1.40
CA ILE A 265 -26.12 5.49 -1.05
C ILE A 265 -27.08 5.23 -2.20
N VAL A 266 -27.24 3.97 -2.57
CA VAL A 266 -28.33 3.52 -3.43
C VAL A 266 -29.38 2.91 -2.52
N LEU A 267 -30.59 3.42 -2.59
CA LEU A 267 -31.67 3.07 -1.67
C LEU A 267 -32.73 2.32 -2.44
N PHE A 268 -32.90 1.05 -2.13
CA PHE A 268 -33.91 0.20 -2.76
C PHE A 268 -35.08 0.05 -1.80
N LEU A 269 -36.24 0.56 -2.19
CA LEU A 269 -37.47 0.36 -1.43
C LEU A 269 -38.23 -0.78 -2.09
N ASN A 270 -37.86 -1.99 -1.73
CA ASN A 270 -38.41 -3.18 -2.36
C ASN A 270 -39.63 -3.68 -1.61
N LYS A 271 -40.17 -4.80 -2.08
CA LYS A 271 -41.47 -5.34 -1.69
C LYS A 271 -42.58 -4.31 -1.87
N LYS A 272 -42.62 -3.70 -3.07
CA LYS A 272 -43.67 -2.73 -3.36
C LYS A 272 -44.98 -3.37 -3.77
N ASP A 273 -44.98 -4.66 -4.11
CA ASP A 273 -46.22 -5.36 -4.41
C ASP A 273 -47.05 -5.56 -3.15
N ILE A 274 -46.41 -5.97 -2.05
CA ILE A 274 -47.09 -6.07 -0.77
C ILE A 274 -47.48 -4.69 -0.27
N PHE A 275 -46.69 -3.67 -0.63
CA PHE A 275 -47.04 -2.29 -0.28
C PHE A 275 -48.31 -1.85 -0.99
N GLN A 276 -48.46 -2.21 -2.27
CA GLN A 276 -49.66 -1.85 -3.01
C GLN A 276 -50.87 -2.63 -2.53
N GLU A 277 -50.67 -3.91 -2.17
CA GLU A 277 -51.77 -4.71 -1.66
C GLU A 277 -52.02 -4.51 -0.17
N LYS A 278 -51.20 -3.68 0.49
CA LYS A 278 -51.32 -3.45 1.93
C LYS A 278 -51.70 -2.02 2.29
N VAL A 279 -51.56 -1.08 1.36
CA VAL A 279 -51.89 0.31 1.65
C VAL A 279 -53.39 0.49 1.82
N THR A 280 -54.19 -0.26 1.05
CA THR A 280 -55.64 -0.15 1.15
C THR A 280 -56.16 -0.73 2.46
N LYS A 281 -55.61 -1.86 2.89
CA LYS A 281 -56.13 -2.55 4.07
C LYS A 281 -55.78 -1.80 5.36
N VAL A 282 -54.53 -1.34 5.49
CA VAL A 282 -54.05 -0.68 6.69
C VAL A 282 -53.51 0.69 6.30
N HIS A 283 -53.95 1.72 7.01
CA HIS A 283 -53.43 3.06 6.79
C HIS A 283 -51.99 3.17 7.29
N LEU A 284 -51.28 4.17 6.78
CA LEU A 284 -49.87 4.35 7.11
C LEU A 284 -49.65 4.98 8.48
N SER A 285 -50.71 5.38 9.17
CA SER A 285 -50.59 6.00 10.49
C SER A 285 -50.26 5.00 11.59
N ILE A 286 -50.32 3.69 11.30
CA ILE A 286 -49.99 2.69 12.31
C ILE A 286 -48.48 2.65 12.58
N CYS A 287 -47.68 3.19 11.67
CA CYS A 287 -46.23 3.27 11.85
C CYS A 287 -45.80 4.66 12.32
N PHE A 288 -46.14 5.69 11.55
CA PHE A 288 -45.79 7.06 11.88
C PHE A 288 -47.03 7.82 12.32
N PRO A 289 -47.09 8.29 13.57
CA PRO A 289 -48.27 9.04 14.00
C PRO A 289 -48.20 10.52 13.66
N GLU A 290 -47.78 10.83 12.44
CA GLU A 290 -47.71 12.22 11.99
C GLU A 290 -48.12 12.40 10.54
N TYR A 291 -48.74 11.39 9.92
CA TYR A 291 -48.93 11.42 8.47
C TYR A 291 -50.05 12.37 8.07
N THR A 292 -51.28 12.07 8.50
CA THR A 292 -52.49 12.86 8.20
C THR A 292 -52.66 13.10 6.70
N GLY A 293 -52.43 12.05 5.91
CA GLY A 293 -52.55 12.14 4.48
C GLY A 293 -53.30 10.96 3.88
N PRO A 294 -53.52 10.99 2.57
CA PRO A 294 -54.18 9.86 1.91
C PRO A 294 -53.29 8.62 1.89
N ASN A 295 -53.95 7.45 1.97
CA ASN A 295 -53.24 6.18 2.03
C ASN A 295 -53.08 5.53 0.66
N THR A 296 -52.96 6.33 -0.39
CA THR A 296 -52.72 5.78 -1.72
C THR A 296 -51.28 5.28 -1.83
N PHE A 297 -51.01 4.56 -2.92
CA PHE A 297 -49.68 3.96 -3.11
C PHE A 297 -48.62 5.02 -3.34
N GLU A 298 -48.88 5.97 -4.24
CA GLU A 298 -47.87 6.94 -4.63
C GLU A 298 -47.52 7.90 -3.49
N ASP A 299 -48.54 8.43 -2.82
CA ASP A 299 -48.31 9.41 -1.76
C ASP A 299 -47.61 8.78 -0.55
N ALA A 300 -48.04 7.58 -0.15
CA ALA A 300 -47.41 6.92 0.98
C ALA A 300 -45.99 6.48 0.66
N GLY A 301 -45.78 5.96 -0.56
CA GLY A 301 -44.44 5.59 -0.97
C GLY A 301 -43.50 6.78 -1.03
N ASN A 302 -43.99 7.92 -1.52
CA ASN A 302 -43.18 9.13 -1.53
C ASN A 302 -42.92 9.64 -0.12
N TYR A 303 -43.87 9.47 0.79
CA TYR A 303 -43.64 9.85 2.18
C TYR A 303 -42.56 9.00 2.83
N ILE A 304 -42.59 7.68 2.57
CA ILE A 304 -41.56 6.79 3.12
C ILE A 304 -40.19 7.14 2.54
N LYS A 305 -40.13 7.35 1.22
CA LYS A 305 -38.87 7.69 0.56
C LYS A 305 -38.33 9.02 1.07
N ASN A 306 -39.20 10.03 1.22
CA ASN A 306 -38.75 11.32 1.71
C ASN A 306 -38.33 11.26 3.17
N GLN A 307 -38.94 10.38 3.96
CA GLN A 307 -38.53 10.27 5.35
C GLN A 307 -37.18 9.55 5.48
N PHE A 308 -36.87 8.64 4.56
CA PHE A 308 -35.49 8.17 4.47
C PHE A 308 -34.53 9.27 4.00
N LEU A 309 -34.95 10.07 3.02
CA LEU A 309 -34.03 11.02 2.40
C LEU A 309 -33.71 12.22 3.30
N ASP A 310 -34.67 12.72 4.07
CA ASP A 310 -34.37 13.89 4.92
C ASP A 310 -33.76 13.47 6.26
N LEU A 311 -32.72 12.66 6.20
CA LEU A 311 -32.14 12.06 7.39
C LEU A 311 -30.63 12.16 7.44
N ASN A 312 -29.97 12.60 6.37
CA ASN A 312 -28.54 12.86 6.36
C ASN A 312 -28.29 14.36 6.41
N LEU A 313 -27.45 14.80 7.33
CA LEU A 313 -27.08 16.21 7.39
C LEU A 313 -25.78 16.48 6.64
N LYS A 314 -25.66 15.93 5.43
CA LYS A 314 -24.53 16.17 4.55
C LYS A 314 -25.03 16.23 3.10
N LYS A 315 -26.13 16.94 2.88
CA LYS A 315 -26.86 16.87 1.61
C LYS A 315 -26.07 17.36 0.42
N GLU A 316 -25.06 18.21 0.62
CA GLU A 316 -24.29 18.71 -0.50
C GLU A 316 -23.29 17.68 -1.03
N ASP A 317 -22.65 16.94 -0.13
CA ASP A 317 -21.54 16.08 -0.53
C ASP A 317 -22.02 14.75 -1.12
N LYS A 318 -22.81 14.01 -0.36
CA LYS A 318 -23.28 12.69 -0.78
C LYS A 318 -24.69 12.79 -1.34
N GLU A 319 -25.04 11.83 -2.19
CA GLU A 319 -26.35 11.76 -2.80
C GLU A 319 -26.98 10.40 -2.52
N ILE A 320 -28.30 10.39 -2.39
CA ILE A 320 -29.05 9.17 -2.16
C ILE A 320 -29.94 8.92 -3.36
N TYR A 321 -29.69 7.82 -4.05
CA TYR A 321 -30.49 7.41 -5.21
C TYR A 321 -31.54 6.42 -4.75
N SER A 322 -32.79 6.66 -5.15
CA SER A 322 -33.91 5.88 -4.67
C SER A 322 -34.59 5.14 -5.81
N HIS A 323 -35.14 3.98 -5.49
CA HIS A 323 -35.89 3.18 -6.44
C HIS A 323 -36.90 2.33 -5.70
N MET A 324 -37.95 1.92 -6.41
CA MET A 324 -38.96 1.03 -5.88
C MET A 324 -38.95 -0.25 -6.69
N THR A 325 -38.74 -1.39 -6.02
CA THR A 325 -38.57 -2.67 -6.67
C THR A 325 -39.73 -3.59 -6.32
N CYS A 326 -40.26 -4.29 -7.32
CA CYS A 326 -41.43 -5.13 -7.16
C CYS A 326 -41.04 -6.61 -7.07
N SER A 327 -39.74 -6.89 -6.96
CA SER A 327 -39.12 -8.23 -6.92
C SER A 327 -39.33 -9.03 -8.21
N THR A 328 -39.87 -8.40 -9.26
CA THR A 328 -39.97 -9.00 -10.58
C THR A 328 -39.34 -8.14 -11.66
N ASP A 329 -38.81 -6.96 -11.30
CA ASP A 329 -38.19 -6.09 -12.28
C ASP A 329 -36.85 -6.67 -12.74
N THR A 330 -36.42 -6.23 -13.92
CA THR A 330 -35.15 -6.66 -14.49
C THR A 330 -34.24 -5.47 -14.81
N GLN A 331 -34.50 -4.31 -14.21
CA GLN A 331 -33.76 -3.10 -14.51
C GLN A 331 -32.99 -2.55 -13.32
N ASN A 332 -32.84 -3.32 -12.24
CA ASN A 332 -32.13 -2.83 -11.07
C ASN A 332 -30.63 -2.74 -11.30
N VAL A 333 -30.09 -3.66 -12.11
CA VAL A 333 -28.66 -3.65 -12.42
C VAL A 333 -28.31 -2.40 -13.20
N LYS A 334 -29.20 -1.98 -14.10
CA LYS A 334 -29.03 -0.73 -14.82
C LYS A 334 -29.05 0.46 -13.89
N PHE A 335 -29.89 0.41 -12.85
CA PHE A 335 -29.95 1.49 -11.88
C PHE A 335 -28.64 1.60 -11.10
N VAL A 336 -28.09 0.46 -10.68
CA VAL A 336 -26.82 0.49 -9.94
C VAL A 336 -25.69 0.94 -10.85
N PHE A 337 -25.71 0.53 -12.13
CA PHE A 337 -24.70 0.95 -13.08
C PHE A 337 -24.75 2.45 -13.34
N ASP A 338 -25.96 3.01 -13.48
CA ASP A 338 -26.11 4.44 -13.68
C ASP A 338 -25.66 5.22 -12.45
N ALA A 339 -26.01 4.73 -11.25
CA ALA A 339 -25.62 5.40 -10.03
C ALA A 339 -24.12 5.40 -9.83
N VAL A 340 -23.45 4.28 -10.09
CA VAL A 340 -22.00 4.26 -9.93
C VAL A 340 -21.30 5.04 -11.04
N THR A 341 -21.92 5.18 -12.22
CA THR A 341 -21.38 6.09 -13.22
C THR A 341 -21.44 7.53 -12.73
N ASP A 342 -22.55 7.91 -12.10
CA ASP A 342 -22.66 9.23 -11.47
C ASP A 342 -21.58 9.43 -10.41
N ILE A 343 -21.39 8.43 -9.55
CA ILE A 343 -20.43 8.56 -8.46
C ILE A 343 -19.00 8.65 -8.99
N ILE A 344 -18.69 7.87 -10.03
CA ILE A 344 -17.35 7.89 -10.60
C ILE A 344 -17.06 9.23 -11.26
N ILE A 345 -18.03 9.78 -12.01
CA ILE A 345 -17.85 11.08 -12.64
C ILE A 345 -17.73 12.18 -11.58
N LYS A 346 -18.52 12.10 -10.52
CA LYS A 346 -18.45 13.12 -9.48
C LYS A 346 -17.14 13.05 -8.70
N GLU A 347 -16.62 11.84 -8.47
CA GLU A 347 -15.32 11.71 -7.80
C GLU A 347 -14.19 12.23 -8.66
N ASN A 348 -14.25 11.96 -9.98
CA ASN A 348 -13.24 12.49 -10.89
C ASN A 348 -13.30 14.01 -10.96
N LEU A 349 -14.51 14.57 -10.98
CA LEU A 349 -14.67 16.02 -10.96
C LEU A 349 -14.16 16.61 -9.65
N LYS A 350 -14.33 15.88 -8.54
CA LYS A 350 -13.92 16.39 -7.25
C LYS A 350 -12.41 16.40 -7.11
N ASP A 351 -11.73 15.32 -7.51
CA ASP A 351 -10.28 15.32 -7.36
C ASP A 351 -9.56 15.95 -8.55
N CYS A 352 -10.30 16.41 -9.57
CA CYS A 352 -9.76 17.43 -10.45
C CYS A 352 -9.86 18.83 -9.86
N GLY A 353 -10.53 18.97 -8.72
CA GLY A 353 -10.71 20.27 -8.11
C GLY A 353 -11.83 21.10 -8.70
N LEU A 354 -12.59 20.56 -9.64
CA LEU A 354 -13.66 21.34 -10.27
C LEU A 354 -14.76 21.65 -9.28
N PHE A 355 -15.14 20.70 -8.42
CA PHE A 355 -15.84 21.07 -7.19
C PHE A 355 -15.40 20.16 -6.05
N GLU B 21 -33.05 -17.80 43.51
CA GLU B 21 -31.63 -18.11 43.60
C GLU B 21 -30.80 -17.11 42.80
N LEU B 22 -31.45 -16.43 41.86
CA LEU B 22 -30.76 -15.43 41.05
C LEU B 22 -30.33 -14.25 41.90
N ASP B 23 -31.18 -13.81 42.83
CA ASP B 23 -30.81 -12.71 43.72
C ASP B 23 -29.66 -13.11 44.65
N GLN B 24 -29.68 -14.36 45.14
CA GLN B 24 -28.60 -14.85 45.99
C GLN B 24 -27.28 -14.93 45.22
N LEU B 25 -27.33 -15.39 43.96
CA LEU B 25 -26.11 -15.45 43.14
C LEU B 25 -25.60 -14.04 42.82
N ARG B 26 -26.51 -13.09 42.57
CA ARG B 26 -26.10 -11.71 42.32
C ARG B 26 -25.47 -11.08 43.56
N GLN B 27 -26.03 -11.35 44.74
CA GLN B 27 -25.45 -10.86 45.97
C GLN B 27 -24.08 -11.48 46.23
N GLU B 28 -23.93 -12.77 45.93
CA GLU B 28 -22.62 -13.42 46.08
C GLU B 28 -21.60 -12.84 45.11
N ALA B 29 -22.01 -12.54 43.88
CA ALA B 29 -21.12 -11.93 42.91
C ALA B 29 -20.70 -10.52 43.34
N GLU B 30 -21.65 -9.74 43.87
CA GLU B 30 -21.32 -8.40 44.38
C GLU B 30 -20.39 -8.48 45.59
N GLN B 31 -20.61 -9.47 46.46
CA GLN B 31 -19.72 -9.66 47.61
C GLN B 31 -18.31 -10.04 47.18
N LEU B 32 -18.20 -10.92 46.18
CA LEU B 32 -16.88 -11.31 45.68
C LEU B 32 -16.18 -10.14 44.99
N LYS B 33 -16.94 -9.30 44.27
CA LYS B 33 -16.36 -8.11 43.65
C LYS B 33 -15.88 -7.13 44.70
N ASN B 34 -16.64 -6.94 45.78
CA ASN B 34 -16.22 -6.07 46.87
C ASN B 34 -14.98 -6.62 47.57
N GLN B 35 -14.91 -7.95 47.75
CA GLN B 35 -13.73 -8.57 48.35
C GLN B 35 -12.49 -8.38 47.48
N ILE B 36 -12.66 -8.54 46.16
CA ILE B 36 -11.54 -8.34 45.24
C ILE B 36 -11.08 -6.89 45.24
N ARG B 37 -12.03 -5.95 45.26
CA ARG B 37 -11.66 -4.53 45.31
C ARG B 37 -10.95 -4.17 46.61
N ASP B 38 -11.41 -4.75 47.74
CA ASP B 38 -10.77 -4.49 49.02
C ASP B 38 -9.37 -5.10 49.08
N ALA B 39 -9.19 -6.29 48.49
CA ALA B 39 -7.86 -6.89 48.47
C ALA B 39 -6.92 -6.15 47.52
N ARG B 40 -7.46 -5.56 46.46
CA ARG B 40 -6.62 -4.77 45.56
C ARG B 40 -6.24 -3.43 46.19
N LYS B 41 -7.16 -2.80 46.92
CA LYS B 41 -6.86 -1.54 47.58
C LYS B 41 -6.01 -1.70 48.82
N ALA B 42 -5.96 -2.90 49.40
CA ALA B 42 -5.10 -3.13 50.56
C ALA B 42 -3.63 -3.16 50.15
N CYS B 43 -3.33 -3.71 48.98
CA CYS B 43 -1.95 -3.76 48.51
C CYS B 43 -1.45 -2.40 48.04
N ALA B 44 -2.35 -1.49 47.67
CA ALA B 44 -1.96 -0.17 47.17
C ALA B 44 -1.45 0.66 48.33
N ASP B 45 -0.13 0.77 48.44
CA ASP B 45 0.50 1.60 49.46
C ASP B 45 1.28 2.78 48.89
N ALA B 46 1.83 2.64 47.69
CA ALA B 46 2.53 3.73 47.04
C ALA B 46 2.38 3.60 45.54
N THR B 47 2.08 4.72 44.88
CA THR B 47 1.94 4.71 43.43
C THR B 47 3.30 4.59 42.76
N LEU B 48 3.28 4.20 41.49
CA LEU B 48 4.51 4.09 40.72
C LEU B 48 5.10 5.46 40.41
N SER B 49 4.26 6.51 40.38
CA SER B 49 4.77 7.85 40.14
C SER B 49 5.54 8.38 41.33
N GLN B 50 5.17 7.97 42.55
CA GLN B 50 5.88 8.43 43.73
C GLN B 50 7.24 7.76 43.86
N ILE B 51 7.31 6.44 43.63
CA ILE B 51 8.55 5.71 43.82
C ILE B 51 9.56 5.96 42.70
N THR B 52 9.09 6.43 41.55
CA THR B 52 9.98 6.75 40.43
C THR B 52 10.05 8.26 40.22
N ASN B 53 9.86 9.04 41.28
CA ASN B 53 10.01 10.47 41.22
C ASN B 53 11.47 10.91 41.36
N ASN B 54 12.36 9.99 41.71
CA ASN B 54 13.78 10.32 41.89
C ASN B 54 14.66 9.85 40.75
N ILE B 55 14.19 8.94 39.90
CA ILE B 55 15.00 8.48 38.78
C ILE B 55 15.08 9.58 37.72
N ASP B 56 16.16 9.57 36.95
CA ASP B 56 16.39 10.63 35.99
C ASP B 56 15.45 10.47 34.80
N PRO B 57 14.98 11.57 34.22
CA PRO B 57 14.15 11.47 33.02
C PRO B 57 14.96 11.00 31.82
N VAL B 58 14.27 10.34 30.89
CA VAL B 58 14.93 9.79 29.72
C VAL B 58 15.40 10.89 28.78
N GLY B 59 14.62 11.95 28.64
CA GLY B 59 15.06 13.08 27.83
C GLY B 59 14.18 13.42 26.65
N ARG B 60 14.79 13.48 25.48
CA ARG B 60 14.20 14.03 24.27
C ARG B 60 14.44 13.10 23.09
N ILE B 61 14.04 11.83 23.27
CA ILE B 61 14.29 10.78 22.28
C ILE B 61 13.68 11.15 20.94
N GLN B 62 14.53 11.34 19.94
CA GLN B 62 14.12 11.72 18.59
C GLN B 62 14.58 10.63 17.62
N MET B 63 13.64 10.13 16.83
CA MET B 63 13.91 9.10 15.84
C MET B 63 13.64 9.66 14.44
N ARG B 64 14.24 9.00 13.45
CA ARG B 64 14.09 9.41 12.06
C ARG B 64 13.72 8.21 11.21
N THR B 65 13.01 8.47 10.12
CA THR B 65 12.62 7.41 9.19
C THR B 65 13.85 6.97 8.43
N ARG B 66 14.45 5.85 8.85
CA ARG B 66 15.60 5.32 8.12
C ARG B 66 15.18 4.70 6.80
N ARG B 67 14.12 3.90 6.81
CA ARG B 67 13.60 3.27 5.61
C ARG B 67 12.11 3.48 5.52
N THR B 68 11.62 3.61 4.28
CA THR B 68 10.20 3.59 3.99
C THR B 68 9.91 2.45 3.03
N LEU B 69 8.82 1.75 3.27
CA LEU B 69 8.46 0.57 2.49
C LEU B 69 7.23 0.87 1.66
N ARG B 70 7.41 0.87 0.34
CA ARG B 70 6.34 1.15 -0.60
C ARG B 70 6.03 -0.08 -1.43
N GLY B 71 4.77 -0.22 -1.82
CA GLY B 71 4.36 -1.38 -2.59
C GLY B 71 2.96 -1.84 -2.26
N HIS B 72 2.37 -1.25 -1.23
CA HIS B 72 0.99 -1.56 -0.86
C HIS B 72 0.05 -0.58 -1.52
N LEU B 73 -1.18 -1.03 -1.76
CA LEU B 73 -2.16 -0.26 -2.52
C LEU B 73 -3.39 0.09 -1.72
N ALA B 74 -3.46 -0.31 -0.45
CA ALA B 74 -4.59 -0.01 0.41
C ALA B 74 -4.06 0.18 1.83
N LYS B 75 -4.98 0.25 2.79
CA LYS B 75 -4.59 0.49 4.17
C LYS B 75 -3.90 -0.73 4.75
N ILE B 76 -2.76 -0.51 5.41
CA ILE B 76 -2.05 -1.57 6.11
C ILE B 76 -2.68 -1.73 7.48
N TYR B 77 -3.16 -2.94 7.79
CA TYR B 77 -3.87 -3.17 9.04
C TYR B 77 -3.04 -3.89 10.09
N ALA B 78 -2.03 -4.66 9.69
CA ALA B 78 -1.20 -5.36 10.66
C ALA B 78 0.19 -5.58 10.09
N MET B 79 1.16 -5.63 10.99
CA MET B 79 2.52 -6.04 10.66
C MET B 79 3.10 -6.80 11.83
N HIS B 80 4.11 -7.61 11.54
CA HIS B 80 4.80 -8.35 12.59
C HIS B 80 6.25 -8.54 12.17
N TRP B 81 7.14 -8.45 13.15
CA TRP B 81 8.57 -8.62 12.93
C TRP B 81 8.95 -10.10 12.99
N GLY B 82 10.21 -10.37 12.65
CA GLY B 82 10.77 -11.68 12.80
C GLY B 82 11.69 -11.76 14.02
N THR B 83 12.00 -13.00 14.40
CA THR B 83 12.96 -13.22 15.47
C THR B 83 14.36 -12.79 15.04
N ASP B 84 14.67 -12.90 13.74
CA ASP B 84 15.94 -12.44 13.20
C ASP B 84 16.06 -10.93 13.14
N SER B 85 14.96 -10.21 13.40
CA SER B 85 14.92 -8.73 13.48
C SER B 85 15.30 -8.08 12.16
N ARG B 86 15.10 -8.78 11.06
CA ARG B 86 15.34 -8.25 9.73
C ARG B 86 14.13 -8.42 8.82
N LEU B 87 13.41 -9.52 8.94
CA LEU B 87 12.28 -9.80 8.07
C LEU B 87 10.99 -9.27 8.69
N LEU B 88 10.14 -8.70 7.84
CA LEU B 88 8.93 -8.02 8.26
C LEU B 88 7.78 -8.49 7.38
N VAL B 89 6.68 -8.91 8.00
CA VAL B 89 5.48 -9.26 7.27
C VAL B 89 4.47 -8.13 7.44
N SER B 90 3.61 -7.95 6.44
CA SER B 90 2.60 -6.90 6.49
C SER B 90 1.34 -7.40 5.79
N ALA B 91 0.21 -6.84 6.19
CA ALA B 91 -1.09 -7.20 5.64
C ALA B 91 -1.86 -5.94 5.28
N SER B 92 -2.53 -5.98 4.13
CA SER B 92 -3.28 -4.82 3.67
C SER B 92 -4.51 -5.29 2.91
N GLN B 93 -5.44 -4.35 2.71
CA GLN B 93 -6.73 -4.65 2.11
C GLN B 93 -6.70 -4.76 0.58
N ASP B 94 -5.52 -4.82 -0.02
CA ASP B 94 -5.39 -5.14 -1.43
C ASP B 94 -5.22 -6.64 -1.65
N GLY B 95 -5.43 -7.45 -0.63
CA GLY B 95 -5.26 -8.89 -0.72
C GLY B 95 -3.83 -9.31 -0.89
N LYS B 96 -2.90 -8.65 -0.21
CA LYS B 96 -1.48 -8.94 -0.32
C LYS B 96 -0.88 -9.10 1.06
N LEU B 97 0.09 -10.02 1.17
CA LEU B 97 0.82 -10.30 2.40
C LEU B 97 2.30 -10.25 2.04
N ILE B 98 2.88 -9.06 2.11
CA ILE B 98 4.24 -8.84 1.64
C ILE B 98 5.22 -9.09 2.78
N ILE B 99 6.24 -9.89 2.50
CA ILE B 99 7.33 -10.12 3.43
C ILE B 99 8.50 -9.24 3.01
N TRP B 100 8.90 -8.33 3.89
CA TRP B 100 9.88 -7.31 3.58
C TRP B 100 11.25 -7.67 4.15
N ASP B 101 12.29 -7.23 3.45
CA ASP B 101 13.65 -7.20 3.98
C ASP B 101 13.91 -5.77 4.44
N SER B 102 13.91 -5.57 5.75
CA SER B 102 13.97 -4.21 6.30
C SER B 102 15.32 -3.55 6.10
N TYR B 103 16.39 -4.33 5.94
CA TYR B 103 17.71 -3.74 5.85
C TYR B 103 17.95 -3.11 4.48
N THR B 104 17.45 -3.74 3.42
CA THR B 104 17.73 -3.32 2.05
C THR B 104 16.52 -2.80 1.31
N THR B 105 15.35 -2.77 1.96
CA THR B 105 14.06 -2.41 1.35
C THR B 105 13.80 -3.29 0.12
N ASN B 106 13.66 -4.58 0.39
CA ASN B 106 13.43 -5.58 -0.64
C ASN B 106 12.19 -6.38 -0.30
N LYS B 107 11.53 -6.88 -1.34
CA LYS B 107 10.33 -7.69 -1.19
C LYS B 107 10.71 -9.15 -1.37
N VAL B 108 10.77 -9.89 -0.27
CA VAL B 108 11.08 -11.30 -0.34
C VAL B 108 9.92 -12.08 -0.95
N HIS B 109 8.69 -11.76 -0.56
CA HIS B 109 7.53 -12.50 -1.02
C HIS B 109 6.35 -11.54 -1.14
N ALA B 110 5.41 -11.91 -2.00
CA ALA B 110 4.12 -11.23 -2.11
C ALA B 110 3.07 -12.32 -2.21
N ILE B 111 2.35 -12.55 -1.11
CA ILE B 111 1.44 -13.68 -0.98
C ILE B 111 0.02 -13.17 -1.25
N PRO B 112 -0.63 -13.59 -2.33
CA PRO B 112 -2.03 -13.23 -2.53
C PRO B 112 -2.93 -13.99 -1.58
N LEU B 113 -3.95 -13.32 -1.08
CA LEU B 113 -4.89 -13.89 -0.13
C LEU B 113 -6.22 -14.19 -0.81
N ARG B 114 -6.87 -15.26 -0.35
CA ARG B 114 -8.19 -15.61 -0.88
C ARG B 114 -9.22 -14.55 -0.51
N SER B 115 -9.13 -14.03 0.71
CA SER B 115 -10.01 -12.96 1.18
C SER B 115 -9.20 -11.69 1.37
N SER B 116 -9.65 -10.60 0.76
CA SER B 116 -8.93 -9.35 0.81
C SER B 116 -9.18 -8.57 2.11
N TRP B 117 -10.11 -9.01 2.95
CA TRP B 117 -10.44 -8.30 4.17
C TRP B 117 -9.67 -8.89 5.34
N VAL B 118 -8.37 -8.62 5.34
CA VAL B 118 -7.45 -9.11 6.37
C VAL B 118 -7.35 -8.06 7.46
N MET B 119 -7.28 -8.52 8.71
CA MET B 119 -7.18 -7.64 9.85
C MET B 119 -6.01 -7.97 10.77
N THR B 120 -5.35 -9.11 10.57
CA THR B 120 -4.23 -9.50 11.43
C THR B 120 -3.23 -10.30 10.61
N CYS B 121 -2.00 -10.33 11.10
CA CYS B 121 -0.95 -11.15 10.52
C CYS B 121 0.08 -11.47 11.59
N ALA B 122 0.78 -12.59 11.39
CA ALA B 122 1.80 -13.01 12.33
C ALA B 122 2.92 -13.69 11.56
N TYR B 123 4.10 -13.69 12.16
CA TYR B 123 5.28 -14.32 11.59
C TYR B 123 5.79 -15.33 12.62
N ALA B 124 6.05 -16.56 12.18
CA ALA B 124 6.45 -17.62 13.10
C ALA B 124 7.84 -17.33 13.66
N PRO B 125 8.12 -17.77 14.89
CA PRO B 125 9.47 -17.59 15.45
C PRO B 125 10.56 -18.30 14.66
N SER B 126 10.25 -19.44 14.06
CA SER B 126 11.21 -20.15 13.23
C SER B 126 11.34 -19.56 11.83
N GLY B 127 10.41 -18.70 11.43
CA GLY B 127 10.49 -18.09 10.12
C GLY B 127 9.96 -18.92 8.98
N ASN B 128 9.35 -20.07 9.26
CA ASN B 128 8.87 -20.95 8.21
C ASN B 128 7.42 -20.72 7.83
N TYR B 129 6.65 -20.03 8.66
CA TYR B 129 5.23 -19.84 8.40
C TYR B 129 4.82 -18.41 8.68
N VAL B 130 3.77 -17.97 7.98
CA VAL B 130 3.08 -16.73 8.29
C VAL B 130 1.59 -17.04 8.40
N ALA B 131 0.87 -16.15 9.06
CA ALA B 131 -0.56 -16.31 9.27
C ALA B 131 -1.28 -15.03 8.86
N CYS B 132 -2.56 -15.18 8.53
CA CYS B 132 -3.42 -14.03 8.25
C CYS B 132 -4.85 -14.41 8.56
N GLY B 133 -5.67 -13.39 8.77
CA GLY B 133 -7.08 -13.62 9.06
C GLY B 133 -7.84 -12.32 9.07
N GLY B 134 -9.16 -12.43 9.10
CA GLY B 134 -10.01 -11.26 9.08
C GLY B 134 -11.49 -11.58 9.02
N LEU B 135 -12.21 -10.92 8.12
CA LEU B 135 -13.66 -11.06 8.03
C LEU B 135 -14.10 -12.37 7.40
N ASP B 136 -13.17 -13.18 6.87
CA ASP B 136 -13.50 -14.49 6.33
C ASP B 136 -13.56 -15.57 7.39
N ASN B 137 -13.34 -15.21 8.66
CA ASN B 137 -13.44 -16.08 9.83
C ASN B 137 -12.44 -17.23 9.82
N ILE B 138 -11.37 -17.11 9.04
CA ILE B 138 -10.44 -18.22 8.82
C ILE B 138 -9.02 -17.73 9.06
N CYS B 139 -8.27 -18.46 9.89
CA CYS B 139 -6.84 -18.25 10.04
C CYS B 139 -6.10 -19.13 9.03
N SER B 140 -5.41 -18.50 8.10
CA SER B 140 -4.72 -19.21 7.03
C SER B 140 -3.23 -19.25 7.34
N ILE B 141 -2.65 -20.44 7.37
CA ILE B 141 -1.23 -20.64 7.60
C ILE B 141 -0.55 -20.89 6.26
N TYR B 142 0.49 -20.11 5.97
CA TYR B 142 1.18 -20.16 4.69
C TYR B 142 2.57 -20.73 4.89
N ASN B 143 2.97 -21.66 4.03
CA ASN B 143 4.29 -22.28 4.11
C ASN B 143 5.25 -21.52 3.20
N LEU B 144 6.30 -20.97 3.80
CA LEU B 144 7.29 -20.20 3.04
C LEU B 144 8.42 -21.07 2.51
N LYS B 145 8.86 -22.06 3.29
CA LYS B 145 9.95 -22.94 2.89
C LYS B 145 9.36 -24.18 2.24
N THR B 146 9.31 -24.19 0.92
CA THR B 146 8.84 -25.32 0.15
C THR B 146 9.86 -25.69 -0.91
N ARG B 147 9.82 -26.95 -1.36
CA ARG B 147 10.67 -27.37 -2.46
C ARG B 147 10.33 -26.64 -3.74
N GLU B 148 9.04 -26.44 -3.99
CA GLU B 148 8.63 -25.51 -5.04
C GLU B 148 8.88 -24.08 -4.59
N GLY B 149 9.01 -23.18 -5.56
CA GLY B 149 9.38 -21.83 -5.25
C GLY B 149 8.29 -20.91 -4.76
N ASN B 150 7.07 -21.40 -4.63
CA ASN B 150 5.93 -20.57 -4.25
C ASN B 150 5.63 -20.72 -2.77
N VAL B 151 4.71 -19.87 -2.30
CA VAL B 151 4.18 -19.93 -0.94
C VAL B 151 2.76 -20.45 -1.01
N ARG B 152 2.52 -21.58 -0.36
CA ARG B 152 1.23 -22.26 -0.41
C ARG B 152 0.58 -22.25 0.96
N VAL B 153 -0.75 -22.42 0.96
CA VAL B 153 -1.53 -22.44 2.18
C VAL B 153 -1.38 -23.83 2.80
N SER B 154 -0.73 -23.90 3.97
CA SER B 154 -0.56 -25.17 4.65
C SER B 154 -1.86 -25.64 5.29
N ARG B 155 -2.60 -24.72 5.91
CA ARG B 155 -3.82 -25.09 6.61
C ARG B 155 -4.74 -23.88 6.67
N GLU B 156 -6.04 -24.14 6.60
CA GLU B 156 -7.07 -23.11 6.78
C GLU B 156 -7.87 -23.49 8.01
N LEU B 157 -7.68 -22.74 9.09
CA LEU B 157 -8.32 -23.04 10.37
C LEU B 157 -9.67 -22.32 10.43
N ALA B 158 -10.73 -23.10 10.60
CA ALA B 158 -12.09 -22.57 10.68
C ALA B 158 -12.74 -23.05 11.97
N GLY B 159 -13.68 -22.24 12.46
CA GLY B 159 -14.35 -22.56 13.71
C GLY B 159 -14.71 -21.35 14.54
N HIS B 160 -14.26 -20.17 14.14
CA HIS B 160 -14.65 -18.94 14.80
C HIS B 160 -15.88 -18.35 14.11
N THR B 161 -16.89 -18.01 14.91
CA THR B 161 -18.08 -17.39 14.36
C THR B 161 -17.87 -15.91 14.05
N GLY B 162 -17.02 -15.23 14.82
CA GLY B 162 -16.79 -13.81 14.64
C GLY B 162 -15.46 -13.52 13.96
N TYR B 163 -15.29 -12.25 13.60
CA TYR B 163 -14.14 -11.82 12.80
C TYR B 163 -12.83 -12.02 13.56
N LEU B 164 -11.81 -12.49 12.86
CA LEU B 164 -10.56 -12.82 13.49
C LEU B 164 -9.74 -11.56 13.67
N SER B 165 -9.42 -11.21 14.91
CA SER B 165 -8.77 -9.94 15.21
C SER B 165 -7.27 -10.05 15.45
N CYS B 166 -6.79 -11.15 16.00
CA CYS B 166 -5.37 -11.31 16.24
C CYS B 166 -5.02 -12.79 16.18
N CYS B 167 -3.79 -13.06 15.75
CA CYS B 167 -3.24 -14.41 15.75
C CYS B 167 -1.76 -14.31 16.08
N ARG B 168 -1.27 -15.25 16.89
CA ARG B 168 0.13 -15.29 17.27
C ARG B 168 0.60 -16.72 17.35
N PHE B 169 1.86 -16.94 17.02
CA PHE B 169 2.46 -18.27 16.94
C PHE B 169 3.14 -18.60 18.26
N LEU B 170 2.85 -19.79 18.80
CA LEU B 170 3.59 -20.32 19.93
C LEU B 170 4.81 -21.10 19.47
N ASP B 171 4.61 -22.02 18.53
CA ASP B 171 5.68 -22.73 17.84
C ASP B 171 5.17 -23.05 16.44
N ASP B 172 5.82 -23.99 15.76
CA ASP B 172 5.39 -24.34 14.41
C ASP B 172 4.08 -25.11 14.37
N ASN B 173 3.59 -25.61 15.51
CA ASN B 173 2.39 -26.42 15.53
C ASN B 173 1.21 -25.82 16.29
N GLN B 174 1.43 -24.79 17.11
CA GLN B 174 0.36 -24.17 17.86
C GLN B 174 0.25 -22.69 17.51
N ILE B 175 -0.97 -22.24 17.28
CA ILE B 175 -1.26 -20.82 17.04
C ILE B 175 -2.49 -20.45 17.88
N VAL B 176 -2.41 -19.30 18.55
CA VAL B 176 -3.49 -18.82 19.40
C VAL B 176 -4.16 -17.64 18.70
N THR B 177 -5.49 -17.65 18.66
CA THR B 177 -6.26 -16.71 17.89
C THR B 177 -7.30 -16.02 18.76
N SER B 178 -7.58 -14.77 18.43
CA SER B 178 -8.64 -13.99 19.08
C SER B 178 -9.65 -13.57 18.02
N SER B 179 -10.93 -13.68 18.35
CA SER B 179 -11.97 -13.46 17.36
C SER B 179 -13.07 -12.58 17.93
N GLY B 180 -14.02 -12.23 17.05
CA GLY B 180 -15.16 -11.41 17.37
C GLY B 180 -16.37 -12.16 17.88
N ASP B 181 -16.26 -13.46 18.14
CA ASP B 181 -17.33 -14.19 18.81
C ASP B 181 -17.08 -14.31 20.31
N THR B 182 -16.38 -13.32 20.89
CA THR B 182 -16.10 -13.21 22.33
C THR B 182 -15.32 -14.40 22.87
N THR B 183 -14.53 -15.08 22.03
CA THR B 183 -13.76 -16.22 22.46
C THR B 183 -12.36 -16.15 21.87
N CYS B 184 -11.40 -16.72 22.60
CA CYS B 184 -10.05 -16.95 22.13
C CYS B 184 -9.83 -18.45 22.03
N ALA B 185 -9.03 -18.85 21.05
CA ALA B 185 -8.84 -20.27 20.79
C ALA B 185 -7.36 -20.58 20.56
N LEU B 186 -6.97 -21.78 20.95
CA LEU B 186 -5.64 -22.31 20.68
C LEU B 186 -5.77 -23.49 19.72
N TRP B 187 -5.02 -23.45 18.63
CA TRP B 187 -5.16 -24.42 17.56
C TRP B 187 -3.97 -25.36 17.51
N ASP B 188 -4.16 -26.48 16.83
CA ASP B 188 -3.10 -27.40 16.45
C ASP B 188 -3.09 -27.45 14.93
N ILE B 189 -2.03 -26.94 14.31
CA ILE B 189 -2.03 -26.70 12.87
C ILE B 189 -2.01 -28.02 12.10
N GLU B 190 -1.30 -29.02 12.61
CA GLU B 190 -1.22 -30.31 11.93
C GLU B 190 -2.59 -31.00 11.89
N THR B 191 -3.31 -30.98 13.00
CA THR B 191 -4.65 -31.56 13.04
C THR B 191 -5.72 -30.61 12.52
N GLY B 192 -5.47 -29.30 12.54
CA GLY B 192 -6.44 -28.32 12.07
C GLY B 192 -7.69 -28.25 12.93
N GLN B 193 -7.55 -28.45 14.23
CA GLN B 193 -8.70 -28.52 15.12
C GLN B 193 -8.44 -27.71 16.37
N GLN B 194 -9.51 -27.41 17.09
CA GLN B 194 -9.43 -26.71 18.36
C GLN B 194 -8.73 -27.58 19.40
N THR B 195 -7.93 -26.95 20.24
CA THR B 195 -7.35 -27.63 21.39
C THR B 195 -7.92 -27.13 22.70
N THR B 196 -7.95 -25.81 22.89
CA THR B 196 -8.59 -25.21 24.06
C THR B 196 -9.29 -23.93 23.63
N THR B 197 -10.52 -23.75 24.07
CA THR B 197 -11.29 -22.54 23.78
C THR B 197 -11.38 -21.70 25.05
N PHE B 198 -10.96 -20.44 24.95
CA PHE B 198 -10.95 -19.52 26.08
C PHE B 198 -12.20 -18.66 26.03
N THR B 199 -13.00 -18.72 27.09
CA THR B 199 -14.30 -18.07 27.14
C THR B 199 -14.39 -17.23 28.41
N GLY B 200 -15.13 -16.13 28.33
CA GLY B 200 -15.32 -15.28 29.47
C GLY B 200 -15.42 -13.81 29.14
N HIS B 201 -15.03 -13.44 27.93
CA HIS B 201 -15.15 -12.06 27.49
C HIS B 201 -16.58 -11.76 27.06
N THR B 202 -17.04 -10.55 27.34
CA THR B 202 -18.38 -10.14 26.97
C THR B 202 -18.43 -9.48 25.60
N GLY B 203 -17.43 -8.66 25.26
CA GLY B 203 -17.38 -7.98 24.00
C GLY B 203 -16.42 -8.64 23.03
N ASP B 204 -16.18 -7.96 21.91
CA ASP B 204 -15.32 -8.48 20.87
C ASP B 204 -13.86 -8.41 21.32
N VAL B 205 -13.16 -9.53 21.21
CA VAL B 205 -11.75 -9.58 21.60
C VAL B 205 -10.91 -9.02 20.46
N MET B 206 -10.06 -8.05 20.77
CA MET B 206 -9.40 -7.24 19.75
C MET B 206 -7.92 -7.50 19.59
N SER B 207 -7.19 -7.78 20.68
CA SER B 207 -5.74 -7.94 20.58
C SER B 207 -5.26 -9.04 21.50
N LEU B 208 -4.13 -9.64 21.12
CA LEU B 208 -3.44 -10.64 21.90
C LEU B 208 -2.00 -10.24 22.11
N SER B 209 -1.41 -10.74 23.18
CA SER B 209 0.03 -10.66 23.39
C SER B 209 0.44 -11.86 24.22
N LEU B 210 1.61 -12.40 23.91
CA LEU B 210 2.11 -13.64 24.50
C LEU B 210 3.32 -13.36 25.36
N ALA B 211 3.38 -14.04 26.50
CA ALA B 211 4.50 -13.88 27.41
C ALA B 211 5.77 -14.50 26.79
N PRO B 212 6.95 -14.00 27.18
CA PRO B 212 8.19 -14.57 26.64
C PRO B 212 8.42 -16.03 27.00
N ASP B 213 7.82 -16.54 28.07
CA ASP B 213 7.95 -17.94 28.41
C ASP B 213 6.91 -18.81 27.71
N THR B 214 6.02 -18.20 26.91
CA THR B 214 5.03 -18.89 26.07
C THR B 214 4.13 -19.82 26.88
N ARG B 215 3.72 -19.38 28.07
CA ARG B 215 2.79 -20.12 28.89
C ARG B 215 1.56 -19.34 29.31
N LEU B 216 1.55 -18.01 29.16
CA LEU B 216 0.41 -17.18 29.50
C LEU B 216 0.22 -16.15 28.40
N PHE B 217 -1.03 -15.71 28.22
CA PHE B 217 -1.31 -14.65 27.26
C PHE B 217 -2.46 -13.81 27.76
N VAL B 218 -2.43 -12.53 27.41
CA VAL B 218 -3.42 -11.55 27.84
C VAL B 218 -4.22 -11.09 26.63
N SER B 219 -5.53 -10.95 26.79
CA SER B 219 -6.43 -10.57 25.72
C SER B 219 -7.25 -9.37 26.14
N GLY B 220 -7.20 -8.31 25.33
CA GLY B 220 -7.99 -7.13 25.56
C GLY B 220 -9.19 -7.12 24.63
N ALA B 221 -10.36 -6.80 25.19
CA ALA B 221 -11.60 -6.88 24.46
C ALA B 221 -12.37 -5.57 24.57
N CYS B 222 -13.55 -5.55 23.98
CA CYS B 222 -14.39 -4.36 23.90
C CYS B 222 -15.29 -4.19 25.10
N ASP B 223 -15.19 -5.06 26.11
CA ASP B 223 -15.90 -4.88 27.36
C ASP B 223 -15.10 -4.08 28.38
N ALA B 224 -14.08 -3.34 27.91
CA ALA B 224 -13.16 -2.57 28.76
C ALA B 224 -12.49 -3.44 29.82
N SER B 225 -12.08 -4.64 29.43
CA SER B 225 -11.42 -5.56 30.34
C SER B 225 -10.31 -6.29 29.61
N ALA B 226 -9.29 -6.70 30.37
CA ALA B 226 -8.20 -7.52 29.88
C ALA B 226 -8.08 -8.73 30.79
N LYS B 227 -8.01 -9.92 30.20
CA LYS B 227 -8.00 -11.16 30.95
C LYS B 227 -6.70 -11.91 30.72
N LEU B 228 -6.14 -12.45 31.80
CA LEU B 228 -4.93 -13.25 31.75
C LEU B 228 -5.30 -14.72 31.77
N TRP B 229 -4.83 -15.46 30.78
CA TRP B 229 -5.17 -16.87 30.59
C TRP B 229 -3.96 -17.76 30.81
N ASP B 230 -4.23 -19.04 31.01
CA ASP B 230 -3.22 -20.09 31.01
C ASP B 230 -3.40 -20.94 29.77
N VAL B 231 -2.31 -21.14 29.02
CA VAL B 231 -2.38 -21.93 27.79
C VAL B 231 -2.60 -23.39 28.11
N ARG B 232 -1.87 -23.93 29.08
CA ARG B 232 -1.95 -25.35 29.41
C ARG B 232 -3.18 -25.71 30.22
N GLU B 233 -3.86 -24.73 30.82
CA GLU B 233 -5.02 -24.99 31.66
C GLU B 233 -6.33 -24.49 31.09
N GLY B 234 -6.29 -23.44 30.28
CA GLY B 234 -7.50 -22.90 29.67
C GLY B 234 -8.47 -22.23 30.61
N MET B 235 -7.96 -21.53 31.62
CA MET B 235 -8.80 -20.79 32.56
C MET B 235 -8.26 -19.38 32.72
N CYS B 236 -9.18 -18.45 33.03
CA CYS B 236 -8.80 -17.07 33.24
C CYS B 236 -8.30 -16.90 34.68
N ARG B 237 -7.06 -16.42 34.82
CA ARG B 237 -6.49 -16.28 36.15
C ARG B 237 -6.87 -14.95 36.78
N GLN B 238 -6.65 -13.84 36.07
CA GLN B 238 -6.94 -12.51 36.59
C GLN B 238 -7.70 -11.70 35.55
N THR B 239 -8.52 -10.75 36.04
CA THR B 239 -9.28 -9.86 35.19
C THR B 239 -8.98 -8.43 35.59
N PHE B 240 -8.67 -7.59 34.61
CA PHE B 240 -8.24 -6.21 34.85
C PHE B 240 -9.22 -5.26 34.19
N THR B 241 -10.00 -4.55 35.00
CA THR B 241 -11.01 -3.62 34.51
C THR B 241 -10.67 -2.24 35.03
N GLY B 242 -10.03 -1.42 34.20
CA GLY B 242 -9.75 -0.06 34.57
C GLY B 242 -10.18 0.95 33.54
N HIS B 243 -10.41 0.49 32.31
CA HIS B 243 -10.65 1.37 31.19
C HIS B 243 -12.11 1.83 31.17
N GLU B 244 -12.46 2.61 30.14
CA GLU B 244 -13.80 3.09 29.94
C GLU B 244 -14.27 2.95 28.50
N SER B 245 -13.49 2.32 27.63
CA SER B 245 -13.84 2.18 26.22
C SER B 245 -13.26 0.88 25.70
N ASP B 246 -13.21 0.75 24.38
CA ASP B 246 -12.83 -0.51 23.75
C ASP B 246 -11.32 -0.63 23.71
N ILE B 247 -10.78 -1.69 24.34
CA ILE B 247 -9.35 -1.94 24.31
C ILE B 247 -8.97 -2.47 22.94
N ASN B 248 -8.04 -1.78 22.27
CA ASN B 248 -7.63 -2.15 20.92
C ASN B 248 -6.25 -2.77 20.84
N ALA B 249 -5.36 -2.49 21.79
CA ALA B 249 -3.99 -2.98 21.74
C ALA B 249 -3.55 -3.49 23.10
N ILE B 250 -2.59 -4.41 23.09
CA ILE B 250 -2.10 -5.04 24.31
C ILE B 250 -0.67 -5.52 24.06
N CYS B 251 0.16 -5.47 25.11
CA CYS B 251 1.54 -5.96 25.03
C CYS B 251 2.08 -6.19 26.43
N PHE B 252 2.73 -7.33 26.64
CA PHE B 252 3.49 -7.54 27.86
C PHE B 252 4.74 -6.68 27.95
N PHE B 253 5.17 -6.46 29.18
CA PHE B 253 6.50 -6.03 29.50
C PHE B 253 7.51 -7.11 29.09
N PRO B 254 8.75 -6.75 28.80
CA PRO B 254 9.77 -7.78 28.53
C PRO B 254 10.02 -8.70 29.72
N ASN B 255 9.74 -8.23 30.94
CA ASN B 255 9.88 -9.08 32.12
C ASN B 255 8.85 -10.20 32.14
N GLY B 256 7.66 -9.95 31.60
CA GLY B 256 6.57 -10.90 31.67
C GLY B 256 5.69 -10.76 32.88
N ASN B 257 6.03 -9.87 33.82
CA ASN B 257 5.24 -9.64 35.02
C ASN B 257 4.39 -8.38 34.94
N ALA B 258 4.30 -7.76 33.76
CA ALA B 258 3.49 -6.57 33.58
C ALA B 258 3.05 -6.51 32.12
N PHE B 259 2.02 -5.71 31.87
CA PHE B 259 1.57 -5.49 30.50
C PHE B 259 0.91 -4.13 30.40
N ALA B 260 0.80 -3.64 29.16
CA ALA B 260 0.26 -2.32 28.87
C ALA B 260 -0.89 -2.43 27.90
N THR B 261 -1.88 -1.55 28.08
CA THR B 261 -3.11 -1.56 27.30
C THR B 261 -3.18 -0.32 26.43
N GLY B 262 -4.20 -0.30 25.58
CA GLY B 262 -4.51 0.84 24.74
C GLY B 262 -5.94 0.81 24.28
N SER B 263 -6.68 1.90 24.48
CA SER B 263 -8.12 1.89 24.24
C SER B 263 -8.51 3.16 23.50
N ASP B 264 -9.82 3.28 23.24
CA ASP B 264 -10.38 4.40 22.51
C ASP B 264 -10.66 5.61 23.39
N ASP B 265 -10.39 5.53 24.69
CA ASP B 265 -10.55 6.66 25.60
C ASP B 265 -9.28 7.50 25.70
N ALA B 266 -8.39 7.40 24.70
CA ALA B 266 -7.13 8.14 24.63
C ALA B 266 -6.26 7.91 25.86
N THR B 267 -6.15 6.65 26.28
CA THR B 267 -5.45 6.33 27.51
C THR B 267 -4.75 4.99 27.40
N CYS B 268 -3.45 4.99 27.66
CA CYS B 268 -2.68 3.77 27.85
C CYS B 268 -2.54 3.51 29.34
N ARG B 269 -2.65 2.25 29.75
CA ARG B 269 -2.59 1.89 31.15
C ARG B 269 -1.66 0.69 31.34
N LEU B 270 -0.88 0.72 32.41
CA LEU B 270 0.06 -0.34 32.75
C LEU B 270 -0.46 -1.13 33.95
N PHE B 271 -0.48 -2.45 33.81
CA PHE B 271 -0.97 -3.34 34.84
C PHE B 271 0.13 -4.30 35.26
N ASP B 272 0.09 -4.74 36.52
CA ASP B 272 0.99 -5.76 37.02
C ASP B 272 0.20 -7.03 37.35
N LEU B 273 0.77 -8.18 37.00
CA LEU B 273 0.09 -9.43 37.23
C LEU B 273 0.07 -9.81 38.71
N ARG B 274 1.18 -9.55 39.41
CA ARG B 274 1.25 -9.91 40.82
C ARG B 274 0.49 -8.92 41.69
N ALA B 275 0.53 -7.62 41.34
CA ALA B 275 -0.21 -6.62 42.11
C ALA B 275 -1.69 -6.60 41.75
N ASP B 276 -2.06 -7.13 40.59
CA ASP B 276 -3.44 -7.36 40.16
C ASP B 276 -4.26 -6.07 40.03
N GLN B 277 -3.60 -4.95 39.73
CA GLN B 277 -4.31 -3.69 39.52
C GLN B 277 -3.46 -2.77 38.67
N GLU B 278 -3.99 -1.57 38.42
CA GLU B 278 -3.31 -0.57 37.60
C GLU B 278 -2.21 0.13 38.38
N LEU B 279 -1.15 0.50 37.68
CA LEU B 279 -0.01 1.18 38.29
C LEU B 279 0.26 2.56 37.72
N MET B 280 0.05 2.79 36.43
CA MET B 280 0.35 4.09 35.85
C MET B 280 -0.52 4.31 34.61
N THR B 281 -1.13 5.48 34.53
CA THR B 281 -1.93 5.86 33.38
C THR B 281 -1.17 6.86 32.50
N TYR B 282 -1.31 6.69 31.20
CA TYR B 282 -0.58 7.48 30.20
C TYR B 282 -1.58 8.25 29.36
N SER B 283 -1.83 9.51 29.73
CA SER B 283 -2.79 10.33 29.01
C SER B 283 -2.41 11.79 29.13
N HIS B 284 -2.48 12.50 28.01
CA HIS B 284 -2.36 13.94 27.97
C HIS B 284 -3.68 14.54 27.53
N ASP B 285 -3.97 15.75 28.03
CA ASP B 285 -5.25 16.39 27.75
C ASP B 285 -5.36 16.85 26.30
N ASN B 286 -4.25 16.97 25.59
CA ASN B 286 -4.25 17.38 24.19
C ASN B 286 -4.48 16.22 23.23
N ILE B 287 -4.63 15.00 23.74
CA ILE B 287 -4.83 13.81 22.92
C ILE B 287 -6.27 13.36 23.08
N ILE B 288 -7.06 13.51 22.03
CA ILE B 288 -8.42 12.99 21.98
C ILE B 288 -8.52 12.18 20.69
N CYS B 289 -8.18 10.90 20.77
CA CYS B 289 -8.22 9.96 19.65
C CYS B 289 -8.00 8.56 20.22
N GLY B 290 -8.38 7.56 19.44
CA GLY B 290 -8.16 6.19 19.85
C GLY B 290 -6.70 5.79 19.76
N ILE B 291 -6.39 4.64 20.33
CA ILE B 291 -5.05 4.06 20.31
C ILE B 291 -5.13 2.74 19.56
N THR B 292 -4.35 2.60 18.51
CA THR B 292 -4.39 1.44 17.64
C THR B 292 -3.39 0.36 18.04
N SER B 293 -2.15 0.74 18.34
CA SER B 293 -1.08 -0.22 18.60
C SER B 293 -0.17 0.28 19.70
N VAL B 294 0.14 -0.60 20.65
CA VAL B 294 1.00 -0.30 21.79
C VAL B 294 2.12 -1.32 21.83
N SER B 295 3.36 -0.85 22.01
CA SER B 295 4.50 -1.76 22.15
C SER B 295 5.50 -1.17 23.13
N PHE B 296 6.33 -2.04 23.68
CA PHE B 296 7.43 -1.65 24.56
C PHE B 296 8.75 -1.70 23.81
N SER B 297 9.78 -1.12 24.42
CA SER B 297 11.14 -1.25 23.94
C SER B 297 11.75 -2.51 24.53
N LYS B 298 13.06 -2.71 24.32
CA LYS B 298 13.71 -3.91 24.82
C LYS B 298 13.85 -3.89 26.34
N SER B 299 14.17 -2.73 26.90
CA SER B 299 14.31 -2.60 28.35
C SER B 299 12.99 -2.36 29.05
N GLY B 300 11.94 -2.01 28.32
CA GLY B 300 10.66 -1.69 28.92
C GLY B 300 10.52 -0.29 29.42
N ARG B 301 11.58 0.52 29.33
CA ARG B 301 11.50 1.90 29.80
C ARG B 301 10.65 2.75 28.87
N LEU B 302 10.66 2.46 27.59
CA LEU B 302 10.20 3.39 26.57
C LEU B 302 8.97 2.77 25.91
N LEU B 303 7.79 3.25 26.29
CA LEU B 303 6.53 2.73 25.77
C LEU B 303 6.12 3.53 24.55
N LEU B 304 5.73 2.82 23.49
CA LEU B 304 5.35 3.43 22.23
C LEU B 304 3.91 3.08 21.93
N ALA B 305 3.10 4.09 21.64
CA ALA B 305 1.68 3.93 21.39
C ALA B 305 1.30 4.66 20.11
N GLY B 306 0.62 3.95 19.21
CA GLY B 306 0.17 4.54 17.97
C GLY B 306 -1.28 4.98 18.08
N TYR B 307 -1.54 6.21 17.64
CA TYR B 307 -2.83 6.84 17.85
C TYR B 307 -3.55 7.03 16.52
N ASP B 308 -4.76 7.58 16.60
CA ASP B 308 -5.60 7.84 15.44
C ASP B 308 -5.41 9.24 14.85
N ASP B 309 -4.60 10.09 15.47
CA ASP B 309 -4.35 11.43 14.96
C ASP B 309 -3.10 11.49 14.08
N PHE B 310 -2.85 10.41 13.33
CA PHE B 310 -1.89 10.28 12.25
C PHE B 310 -0.44 10.26 12.71
N ASN B 311 -0.18 10.07 13.99
CA ASN B 311 1.20 9.99 14.46
C ASN B 311 1.29 9.14 15.71
N CYS B 312 2.50 8.66 15.97
CA CYS B 312 2.84 7.86 17.14
C CYS B 312 3.42 8.74 18.24
N ASN B 313 3.28 8.28 19.47
CA ASN B 313 3.83 8.97 20.63
C ASN B 313 4.69 8.01 21.44
N VAL B 314 5.69 8.57 22.12
CA VAL B 314 6.65 7.81 22.90
C VAL B 314 6.49 8.22 24.35
N TRP B 315 6.22 7.25 25.22
CA TRP B 315 5.97 7.49 26.63
C TRP B 315 7.05 6.84 27.47
N ASP B 316 7.48 7.55 28.50
CA ASP B 316 8.34 6.95 29.52
C ASP B 316 7.48 6.11 30.43
N ALA B 317 7.83 4.83 30.57
CA ALA B 317 6.97 3.89 31.27
C ALA B 317 7.00 4.08 32.78
N LEU B 318 8.16 4.45 33.33
CA LEU B 318 8.28 4.60 34.77
C LEU B 318 7.80 5.96 35.27
N LYS B 319 7.57 6.91 34.38
CA LYS B 319 7.02 8.20 34.77
C LYS B 319 6.28 8.76 33.56
N ALA B 320 4.97 8.95 33.69
CA ALA B 320 4.10 9.19 32.54
C ALA B 320 4.36 10.58 31.98
N ASP B 321 5.39 10.68 31.15
CA ASP B 321 5.77 11.90 30.48
C ASP B 321 6.09 11.57 29.03
N ARG B 322 5.55 12.36 28.10
CA ARG B 322 5.77 12.13 26.68
C ARG B 322 7.18 12.55 26.31
N ALA B 323 7.97 11.60 25.82
CA ALA B 323 9.37 11.84 25.52
C ALA B 323 9.68 11.85 24.03
N GLY B 324 8.66 11.84 23.17
CA GLY B 324 8.91 11.89 21.75
C GLY B 324 7.62 11.73 20.98
N VAL B 325 7.65 12.19 19.74
CA VAL B 325 6.52 12.08 18.82
C VAL B 325 7.05 11.61 17.48
N LEU B 326 6.52 10.50 16.98
CA LEU B 326 6.91 9.94 15.69
C LEU B 326 5.84 10.38 14.68
N ALA B 327 6.12 11.46 13.96
CA ALA B 327 5.14 12.07 13.07
C ALA B 327 5.64 12.00 11.63
N GLY B 328 5.20 10.99 10.90
CA GLY B 328 5.56 10.87 9.49
C GLY B 328 4.49 10.28 8.62
N HIS B 329 3.28 10.11 9.16
CA HIS B 329 2.21 9.38 8.47
C HIS B 329 1.08 10.33 8.14
N ASP B 330 0.57 10.24 6.91
CA ASP B 330 -0.57 11.06 6.51
C ASP B 330 -1.86 10.58 7.17
N ASN B 331 -2.08 9.26 7.15
CA ASN B 331 -3.27 8.67 7.75
C ASN B 331 -2.91 8.04 9.08
N ARG B 332 -3.90 7.40 9.71
CA ARG B 332 -3.73 6.90 11.06
C ARG B 332 -2.83 5.67 11.09
N VAL B 333 -1.88 5.67 12.02
CA VAL B 333 -1.04 4.50 12.24
C VAL B 333 -1.89 3.39 12.88
N SER B 334 -1.78 2.19 12.33
CA SER B 334 -2.63 1.09 12.73
C SER B 334 -1.88 -0.07 13.35
N CYS B 335 -0.55 -0.12 13.21
CA CYS B 335 0.24 -1.24 13.68
C CYS B 335 1.68 -0.80 13.85
N LEU B 336 2.28 -1.14 14.98
CA LEU B 336 3.69 -0.88 15.15
C LEU B 336 4.30 -1.98 16.01
N GLY B 337 5.58 -2.23 15.78
CA GLY B 337 6.31 -3.22 16.55
C GLY B 337 7.77 -2.86 16.67
N VAL B 338 8.40 -3.44 17.68
CA VAL B 338 9.82 -3.24 17.96
C VAL B 338 10.52 -4.58 17.74
N THR B 339 11.69 -4.54 17.11
CA THR B 339 12.46 -5.74 16.85
C THR B 339 12.96 -6.34 18.16
N ASP B 340 13.31 -7.63 18.09
CA ASP B 340 13.69 -8.36 19.29
C ASP B 340 15.01 -7.87 19.88
N ASP B 341 15.89 -7.30 19.05
CA ASP B 341 17.10 -6.67 19.55
C ASP B 341 16.90 -5.19 19.88
N GLY B 342 15.73 -4.64 19.59
CA GLY B 342 15.41 -3.27 19.97
C GLY B 342 15.99 -2.19 19.10
N MET B 343 16.50 -2.54 17.91
CA MET B 343 17.20 -1.56 17.09
C MET B 343 16.29 -0.78 16.15
N ALA B 344 15.02 -1.13 16.05
CA ALA B 344 14.17 -0.47 15.08
C ALA B 344 12.71 -0.58 15.49
N VAL B 345 11.94 0.44 15.13
CA VAL B 345 10.50 0.47 15.29
C VAL B 345 9.88 0.68 13.92
N ALA B 346 8.94 -0.18 13.55
CA ALA B 346 8.27 -0.10 12.26
C ALA B 346 6.79 0.21 12.47
N THR B 347 6.39 1.41 12.09
CA THR B 347 5.00 1.85 12.21
C THR B 347 4.31 1.74 10.86
N GLY B 348 3.13 1.14 10.86
CA GLY B 348 2.35 1.00 9.65
C GLY B 348 1.03 1.73 9.70
N SER B 349 0.66 2.43 8.63
CA SER B 349 -0.49 3.32 8.65
C SER B 349 -1.40 3.01 7.48
N TRP B 350 -2.50 3.76 7.40
CA TRP B 350 -3.53 3.56 6.39
C TRP B 350 -3.20 4.21 5.06
N ASP B 351 -2.08 4.93 4.97
CA ASP B 351 -1.65 5.52 3.70
C ASP B 351 -0.72 4.58 2.92
N SER B 352 -0.81 3.27 3.16
CA SER B 352 -0.07 2.23 2.44
C SER B 352 1.44 2.38 2.59
N PHE B 353 1.91 2.89 3.73
CA PHE B 353 3.33 3.11 3.94
C PHE B 353 3.76 2.50 5.26
N LEU B 354 4.85 1.73 5.22
CA LEU B 354 5.56 1.24 6.39
C LEU B 354 6.84 2.04 6.53
N LYS B 355 7.13 2.52 7.74
CA LYS B 355 8.32 3.31 7.99
C LYS B 355 9.08 2.74 9.17
N ILE B 356 10.39 2.58 9.00
CA ILE B 356 11.27 2.06 10.04
C ILE B 356 11.97 3.23 10.71
N TRP B 357 11.90 3.30 12.02
CA TRP B 357 12.41 4.41 12.80
C TRP B 357 13.56 3.94 13.68
N ASN B 358 14.45 4.87 14.01
CA ASN B 358 15.62 4.56 14.84
C ASN B 358 16.06 5.78 15.63
N ALA C 12 -25.31 -17.97 36.51
CA ALA C 12 -24.24 -17.14 37.07
C ALA C 12 -23.31 -17.98 37.94
N ARG C 13 -23.49 -19.30 37.89
CA ARG C 13 -22.63 -20.21 38.64
C ARG C 13 -21.19 -20.15 38.12
N LYS C 14 -21.02 -20.09 36.81
CA LYS C 14 -19.68 -19.95 36.24
C LYS C 14 -19.08 -18.60 36.58
N LEU C 15 -19.91 -17.55 36.63
CA LEU C 15 -19.42 -16.22 36.99
C LEU C 15 -18.93 -16.17 38.43
N VAL C 16 -19.70 -16.74 39.36
CA VAL C 16 -19.27 -16.72 40.76
C VAL C 16 -18.10 -17.68 40.98
N GLU C 17 -18.01 -18.75 40.18
CA GLU C 17 -16.84 -19.64 40.27
C GLU C 17 -15.58 -18.93 39.78
N GLN C 18 -15.68 -18.17 38.69
CA GLN C 18 -14.54 -17.40 38.21
C GLN C 18 -14.15 -16.30 39.18
N LEU C 19 -15.14 -15.65 39.81
CA LEU C 19 -14.83 -14.63 40.80
C LEU C 19 -14.23 -15.23 42.06
N LYS C 20 -14.61 -16.46 42.41
CA LYS C 20 -13.99 -17.13 43.55
C LYS C 20 -12.57 -17.58 43.22
N MET C 21 -12.33 -17.98 41.97
CA MET C 21 -10.98 -18.40 41.58
C MET C 21 -10.05 -17.21 41.44
N GLU C 22 -10.57 -16.04 41.08
CA GLU C 22 -9.73 -14.86 40.93
C GLU C 22 -9.35 -14.25 42.28
N ALA C 23 -10.18 -14.44 43.31
CA ALA C 23 -9.92 -13.79 44.59
C ALA C 23 -8.78 -14.47 45.34
N ASN C 24 -8.72 -15.80 45.31
CA ASN C 24 -7.74 -16.56 46.09
C ASN C 24 -6.42 -16.60 45.32
N ILE C 25 -5.68 -15.50 45.42
CA ILE C 25 -4.38 -15.37 44.77
C ILE C 25 -3.46 -14.61 45.71
N ASP C 26 -2.18 -14.99 45.73
CA ASP C 26 -1.18 -14.33 46.56
C ASP C 26 -0.75 -13.05 45.86
N ARG C 27 -1.10 -11.91 46.44
CA ARG C 27 -0.85 -10.61 45.82
C ARG C 27 0.25 -9.89 46.60
N ILE C 28 1.30 -9.52 45.89
CA ILE C 28 2.44 -8.81 46.48
C ILE C 28 2.13 -7.32 46.55
N LYS C 29 2.97 -6.58 47.27
CA LYS C 29 2.82 -5.15 47.42
C LYS C 29 3.06 -4.44 46.07
N VAL C 30 2.40 -3.30 45.90
CA VAL C 30 2.55 -2.51 44.68
C VAL C 30 3.95 -1.91 44.59
N SER C 31 4.50 -1.51 45.74
CA SER C 31 5.84 -0.93 45.77
C SER C 31 6.89 -1.95 45.34
N LYS C 32 6.70 -3.22 45.73
CA LYS C 32 7.63 -4.27 45.30
C LYS C 32 7.59 -4.48 43.79
N ALA C 33 6.39 -4.45 43.20
CA ALA C 33 6.27 -4.60 41.76
C ALA C 33 6.89 -3.42 41.02
N ALA C 34 6.64 -2.20 41.53
CA ALA C 34 7.24 -1.01 40.93
C ALA C 34 8.76 -1.05 41.03
N ALA C 35 9.29 -1.49 42.18
CA ALA C 35 10.73 -1.62 42.33
C ALA C 35 11.31 -2.71 41.43
N ASP C 36 10.55 -3.78 41.18
CA ASP C 36 11.01 -4.80 40.23
C ASP C 36 11.09 -4.24 38.82
N LEU C 37 10.11 -3.43 38.42
CA LEU C 37 10.20 -2.76 37.11
C LEU C 37 11.37 -1.79 37.05
N MET C 38 11.63 -1.06 38.15
CA MET C 38 12.81 -0.19 38.20
C MET C 38 14.10 -0.99 38.05
N ALA C 39 14.17 -2.15 38.71
CA ALA C 39 15.36 -2.98 38.65
C ALA C 39 15.60 -3.53 37.25
N TYR C 40 14.54 -3.97 36.58
CA TYR C 40 14.68 -4.46 35.20
C TYR C 40 15.12 -3.35 34.26
N CYS C 41 14.53 -2.16 34.41
CA CYS C 41 14.93 -1.00 33.62
C CYS C 41 16.39 -0.63 33.85
N GLU C 42 16.83 -0.60 35.11
CA GLU C 42 18.21 -0.23 35.40
C GLU C 42 19.19 -1.29 34.93
N ALA C 43 18.79 -2.56 34.97
CA ALA C 43 19.68 -3.63 34.53
C ALA C 43 19.83 -3.64 33.01
N HIS C 44 18.76 -3.36 32.28
CA HIS C 44 18.80 -3.47 30.82
C HIS C 44 18.84 -2.11 30.12
N ALA C 45 19.25 -1.05 30.83
CA ALA C 45 19.27 0.27 30.23
C ALA C 45 20.38 0.40 29.19
N LYS C 46 21.51 -0.28 29.39
CA LYS C 46 22.64 -0.14 28.48
C LYS C 46 22.42 -0.88 27.17
N GLU C 47 21.69 -1.99 27.19
CA GLU C 47 21.49 -2.82 26.02
C GLU C 47 20.22 -2.45 25.25
N ASP C 48 19.74 -1.22 25.39
CA ASP C 48 18.57 -0.76 24.65
C ASP C 48 18.98 0.32 23.66
N PRO C 49 18.94 0.04 22.35
CA PRO C 49 19.39 1.05 21.38
C PRO C 49 18.39 2.16 21.12
N LEU C 50 17.12 1.98 21.47
CA LEU C 50 16.16 3.07 21.33
C LEU C 50 16.31 4.10 22.44
N LEU C 51 16.74 3.68 23.61
CA LEU C 51 16.95 4.61 24.72
C LEU C 51 18.29 5.31 24.59
N THR C 52 19.38 4.55 24.57
CA THR C 52 20.69 5.09 24.30
C THR C 52 21.07 4.74 22.87
N PRO C 53 21.12 5.71 21.95
CA PRO C 53 21.41 5.39 20.55
C PRO C 53 22.83 4.89 20.35
N VAL C 54 22.98 4.01 19.37
CA VAL C 54 24.27 3.40 19.08
C VAL C 54 25.00 4.23 18.02
N PRO C 55 26.30 4.51 18.19
CA PRO C 55 27.03 5.32 17.20
C PRO C 55 27.50 4.47 16.04
N ALA C 56 26.86 4.63 14.89
CA ALA C 56 27.21 3.98 13.61
C ALA C 56 27.23 2.45 13.70
N SER C 57 26.63 1.86 14.73
CA SER C 57 26.52 0.42 14.85
C SER C 57 25.26 -0.11 14.19
N GLU C 58 24.38 0.77 13.72
CA GLU C 58 23.27 0.36 12.87
C GLU C 58 23.84 -0.11 11.54
N ASN C 59 23.88 -1.43 11.34
CA ASN C 59 24.45 -2.00 10.12
C ASN C 59 23.72 -1.56 8.85
N PRO C 60 22.37 -1.57 8.73
CA PRO C 60 21.78 -1.06 7.49
C PRO C 60 21.55 0.44 7.48
N PHE C 61 21.33 1.03 8.66
CA PHE C 61 20.91 2.43 8.73
C PHE C 61 22.07 3.35 9.03
N VAL D 2 10.38 -32.32 -7.87
CA VAL D 2 11.18 -31.46 -8.72
C VAL D 2 11.95 -32.30 -9.74
N GLN D 3 11.77 -31.98 -11.01
CA GLN D 3 12.45 -32.69 -12.08
C GLN D 3 13.01 -31.69 -13.07
N LEU D 4 14.26 -31.93 -13.49
CA LEU D 4 14.90 -31.13 -14.53
C LEU D 4 15.57 -32.11 -15.48
N VAL D 5 14.94 -32.35 -16.63
CA VAL D 5 15.43 -33.30 -17.63
C VAL D 5 15.90 -32.52 -18.85
N GLU D 6 17.16 -32.74 -19.23
CA GLU D 6 17.75 -32.07 -20.38
C GLU D 6 17.66 -32.95 -21.62
N SER D 7 17.65 -32.31 -22.78
CA SER D 7 17.58 -33.02 -24.06
C SER D 7 18.60 -32.43 -25.02
N GLY D 8 19.11 -33.27 -25.89
CA GLY D 8 20.13 -32.87 -26.84
C GLY D 8 21.30 -33.82 -26.85
N GLY D 9 22.51 -33.30 -27.06
CA GLY D 9 23.70 -34.12 -27.01
C GLY D 9 23.94 -34.87 -28.29
N GLY D 10 24.96 -35.71 -28.25
CA GLY D 10 25.38 -36.50 -29.40
C GLY D 10 26.65 -35.97 -30.02
N LEU D 11 27.04 -36.63 -31.11
CA LEU D 11 28.27 -36.27 -31.81
C LEU D 11 27.99 -35.12 -32.76
N VAL D 12 28.62 -33.97 -32.48
CA VAL D 12 28.47 -32.77 -33.31
C VAL D 12 29.82 -32.47 -33.94
N GLN D 13 29.81 -32.20 -35.24
CA GLN D 13 31.04 -31.89 -35.96
C GLN D 13 31.56 -30.51 -35.53
N PRO D 14 32.87 -30.30 -35.60
CA PRO D 14 33.43 -28.98 -35.26
C PRO D 14 32.95 -27.90 -36.21
N GLY D 15 32.69 -26.72 -35.67
CA GLY D 15 32.15 -25.62 -36.43
C GLY D 15 30.66 -25.67 -36.63
N GLY D 16 29.99 -26.70 -36.14
CA GLY D 16 28.57 -26.86 -36.33
C GLY D 16 27.76 -26.18 -35.24
N SER D 17 26.47 -26.45 -35.24
CA SER D 17 25.55 -25.89 -34.28
C SER D 17 24.69 -26.98 -33.66
N ARG D 18 24.28 -26.75 -32.42
CA ARG D 18 23.45 -27.70 -31.68
C ARG D 18 22.68 -26.91 -30.63
N LYS D 19 21.50 -27.41 -30.27
CA LYS D 19 20.65 -26.77 -29.28
C LYS D 19 20.34 -27.77 -28.17
N LEU D 20 20.55 -27.35 -26.93
CA LEU D 20 20.24 -28.16 -25.75
C LEU D 20 19.00 -27.58 -25.08
N SER D 21 18.02 -28.44 -24.81
CA SER D 21 16.77 -28.04 -24.19
C SER D 21 16.58 -28.79 -22.90
N CYS D 22 16.17 -28.08 -21.85
CA CYS D 22 15.92 -28.68 -20.55
C CYS D 22 14.46 -28.47 -20.16
N SER D 23 13.78 -29.56 -19.81
CA SER D 23 12.38 -29.53 -19.43
C SER D 23 12.26 -29.53 -17.92
N ALA D 24 11.52 -28.57 -17.37
CA ALA D 24 11.37 -28.40 -15.94
C ALA D 24 9.94 -28.70 -15.55
N SER D 25 9.76 -29.57 -14.56
CA SER D 25 8.45 -29.93 -14.06
C SER D 25 8.54 -30.13 -12.55
N GLY D 26 7.53 -29.63 -11.84
CA GLY D 26 7.44 -29.83 -10.42
C GLY D 26 7.76 -28.62 -9.56
N PHE D 27 8.03 -27.47 -10.15
CA PHE D 27 8.30 -26.27 -9.38
C PHE D 27 7.92 -25.05 -10.22
N ALA D 28 7.83 -23.90 -9.55
CA ALA D 28 7.55 -22.63 -10.21
C ALA D 28 8.76 -22.22 -11.02
N PHE D 29 8.70 -22.45 -12.33
CA PHE D 29 9.85 -22.18 -13.20
C PHE D 29 10.06 -20.69 -13.42
N SER D 30 9.00 -19.90 -13.38
CA SER D 30 9.12 -18.47 -13.68
C SER D 30 9.76 -17.69 -12.55
N SER D 31 9.85 -18.27 -11.36
CA SER D 31 10.45 -17.60 -10.21
C SER D 31 11.87 -18.10 -9.92
N PHE D 32 12.47 -18.85 -10.83
CA PHE D 32 13.79 -19.43 -10.64
C PHE D 32 14.72 -18.95 -11.73
N GLY D 33 15.92 -18.52 -11.35
CA GLY D 33 16.98 -18.28 -12.30
C GLY D 33 17.72 -19.58 -12.58
N MET D 34 18.09 -19.77 -13.84
CA MET D 34 18.67 -21.02 -14.29
C MET D 34 20.10 -20.83 -14.76
N HIS D 35 20.89 -21.89 -14.62
CA HIS D 35 22.29 -21.90 -14.96
C HIS D 35 22.59 -23.05 -15.91
N TRP D 36 23.80 -23.03 -16.48
CA TRP D 36 24.35 -24.15 -17.21
C TRP D 36 25.76 -24.40 -16.69
N VAL D 37 26.05 -25.64 -16.32
CA VAL D 37 27.34 -26.00 -15.73
C VAL D 37 27.93 -27.16 -16.52
N ARG D 38 29.15 -26.97 -17.02
CA ARG D 38 29.87 -27.97 -17.79
C ARG D 38 30.65 -28.91 -16.87
N GLN D 39 31.01 -30.07 -17.41
CA GLN D 39 31.93 -30.97 -16.72
C GLN D 39 32.62 -31.82 -17.78
N ALA D 40 33.88 -31.49 -18.06
CA ALA D 40 34.68 -32.27 -19.00
C ALA D 40 34.94 -33.66 -18.43
N PRO D 41 35.15 -34.67 -19.29
CA PRO D 41 35.30 -36.06 -18.80
C PRO D 41 36.48 -36.30 -17.87
N GLU D 42 37.56 -35.52 -17.99
CA GLU D 42 38.70 -35.68 -17.10
C GLU D 42 39.00 -34.42 -16.32
N LYS D 43 38.01 -33.56 -16.11
CA LYS D 43 38.22 -32.28 -15.43
C LYS D 43 37.06 -32.05 -14.47
N GLY D 44 36.98 -30.85 -13.94
CA GLY D 44 36.02 -30.48 -12.93
C GLY D 44 34.81 -29.77 -13.50
N LEU D 45 34.19 -28.95 -12.68
CA LEU D 45 32.95 -28.26 -13.02
C LEU D 45 33.26 -26.86 -13.52
N GLU D 46 32.62 -26.47 -14.63
CA GLU D 46 32.82 -25.17 -15.23
C GLU D 46 31.47 -24.52 -15.48
N TRP D 47 31.41 -23.20 -15.28
CA TRP D 47 30.18 -22.46 -15.43
C TRP D 47 30.07 -21.89 -16.83
N VAL D 48 28.86 -21.95 -17.40
CA VAL D 48 28.62 -21.58 -18.80
C VAL D 48 27.81 -20.30 -18.91
N ALA D 49 26.57 -20.32 -18.42
CA ALA D 49 25.67 -19.20 -18.64
C ALA D 49 24.64 -19.15 -17.53
N TYR D 50 23.95 -18.00 -17.43
CA TYR D 50 22.93 -17.78 -16.43
C TYR D 50 21.87 -16.85 -16.98
N ILE D 51 20.61 -17.21 -16.78
CA ILE D 51 19.46 -16.38 -17.14
C ILE D 51 18.61 -16.19 -15.90
N SER D 52 18.18 -14.96 -15.66
CA SER D 52 17.45 -14.63 -14.44
C SER D 52 15.94 -14.80 -14.65
N SER D 53 15.20 -14.65 -13.56
CA SER D 53 13.75 -14.63 -13.64
C SER D 53 13.30 -13.33 -14.30
N GLY D 54 12.46 -13.45 -15.33
CA GLY D 54 12.11 -12.32 -16.14
C GLY D 54 13.02 -12.07 -17.32
N SER D 55 14.10 -12.84 -17.44
CA SER D 55 15.07 -12.77 -18.54
C SER D 55 15.68 -11.38 -18.69
N GLY D 56 15.90 -10.71 -17.56
CA GLY D 56 16.43 -9.37 -17.58
C GLY D 56 17.92 -9.29 -17.33
N THR D 57 18.53 -10.41 -16.96
CA THR D 57 19.96 -10.45 -16.67
C THR D 57 20.54 -11.72 -17.27
N ILE D 58 21.40 -11.56 -18.27
CA ILE D 58 22.03 -12.66 -18.98
C ILE D 58 23.53 -12.56 -18.77
N TYR D 59 24.15 -13.67 -18.40
CA TYR D 59 25.59 -13.70 -18.19
C TYR D 59 26.19 -14.89 -18.92
N TYR D 60 27.45 -14.75 -19.34
CA TYR D 60 28.16 -15.81 -20.03
C TYR D 60 29.59 -15.89 -19.49
N ALA D 61 30.19 -17.06 -19.65
CA ALA D 61 31.61 -17.20 -19.36
C ALA D 61 32.43 -16.59 -20.48
N ASP D 62 33.72 -16.38 -20.20
CA ASP D 62 34.60 -15.77 -21.18
C ASP D 62 34.90 -16.72 -22.34
N THR D 63 34.88 -18.03 -22.09
CA THR D 63 35.19 -18.99 -23.13
C THR D 63 34.05 -19.12 -24.12
N VAL D 64 32.81 -18.98 -23.66
CA VAL D 64 31.64 -19.24 -24.48
C VAL D 64 30.88 -17.96 -24.81
N LYS D 65 31.51 -16.81 -24.63
CA LYS D 65 30.85 -15.55 -24.97
C LYS D 65 30.79 -15.38 -26.48
N GLY D 66 29.63 -14.97 -26.97
CA GLY D 66 29.42 -14.80 -28.40
C GLY D 66 28.98 -16.04 -29.13
N ARG D 67 29.62 -17.17 -28.85
CA ARG D 67 29.23 -18.43 -29.48
C ARG D 67 27.94 -18.97 -28.90
N PHE D 68 27.70 -18.79 -27.61
CA PHE D 68 26.62 -19.43 -26.89
C PHE D 68 25.53 -18.41 -26.60
N THR D 69 24.27 -18.86 -26.69
CA THR D 69 23.12 -18.03 -26.35
C THR D 69 22.18 -18.85 -25.48
N ILE D 70 21.73 -18.26 -24.37
CA ILE D 70 20.86 -18.94 -23.41
C ILE D 70 19.53 -18.21 -23.39
N SER D 71 18.44 -18.98 -23.43
CA SER D 71 17.10 -18.41 -23.47
C SER D 71 16.15 -19.35 -22.74
N ARG D 72 14.99 -18.82 -22.38
CA ARG D 72 13.98 -19.59 -21.66
C ARG D 72 12.61 -19.33 -22.26
N ASP D 73 11.71 -20.30 -22.09
CA ASP D 73 10.30 -20.16 -22.44
C ASP D 73 9.48 -20.52 -21.22
N ASP D 74 9.07 -19.51 -20.46
CA ASP D 74 8.35 -19.73 -19.21
C ASP D 74 7.00 -20.43 -19.36
N PRO D 75 6.12 -20.10 -20.34
CA PRO D 75 4.89 -20.91 -20.48
C PRO D 75 5.14 -22.36 -20.84
N LYS D 76 6.19 -22.67 -21.60
CA LYS D 76 6.50 -24.04 -21.97
C LYS D 76 7.36 -24.76 -20.94
N ASN D 77 7.84 -24.04 -19.91
CA ASN D 77 8.71 -24.57 -18.85
C ASN D 77 9.96 -25.22 -19.41
N THR D 78 10.59 -24.54 -20.38
CA THR D 78 11.75 -25.11 -21.09
C THR D 78 12.88 -24.10 -21.07
N LEU D 79 14.10 -24.59 -20.87
CA LEU D 79 15.31 -23.78 -20.90
C LEU D 79 16.19 -24.23 -22.05
N PHE D 80 16.69 -23.28 -22.82
CA PHE D 80 17.48 -23.57 -24.02
C PHE D 80 18.89 -23.03 -23.89
N LEU D 81 19.82 -23.68 -24.59
CA LEU D 81 21.19 -23.19 -24.75
C LEU D 81 21.58 -23.38 -26.21
N GLN D 82 21.59 -22.29 -26.96
CA GLN D 82 21.94 -22.33 -28.38
C GLN D 82 23.45 -22.21 -28.51
N MET D 83 24.08 -23.22 -29.09
CA MET D 83 25.53 -23.28 -29.22
C MET D 83 25.92 -23.24 -30.68
N THR D 84 26.83 -22.32 -31.02
CA THR D 84 27.34 -22.19 -32.37
C THR D 84 28.85 -22.23 -32.35
N SER D 85 29.45 -22.72 -33.44
CA SER D 85 30.90 -22.84 -33.64
C SER D 85 31.54 -23.66 -32.52
N LEU D 86 31.15 -24.91 -32.45
CA LEU D 86 31.61 -25.79 -31.38
C LEU D 86 33.04 -26.25 -31.63
N ARG D 87 33.90 -26.03 -30.64
CA ARG D 87 35.26 -26.54 -30.67
C ARG D 87 35.34 -27.88 -29.96
N SER D 88 36.56 -28.41 -29.86
CA SER D 88 36.78 -29.67 -29.16
C SER D 88 36.92 -29.49 -27.66
N GLU D 89 36.86 -28.26 -27.16
CA GLU D 89 36.88 -28.01 -25.72
C GLU D 89 35.48 -27.92 -25.13
N ASP D 90 34.44 -28.08 -25.93
CA ASP D 90 33.07 -28.08 -25.46
C ASP D 90 32.50 -29.49 -25.28
N THR D 91 33.34 -30.52 -25.35
CA THR D 91 32.90 -31.89 -25.11
C THR D 91 32.74 -32.09 -23.61
N ALA D 92 31.51 -32.00 -23.13
CA ALA D 92 31.24 -32.10 -21.69
C ALA D 92 29.79 -32.51 -21.49
N MET D 93 29.48 -32.91 -20.26
CA MET D 93 28.11 -33.14 -19.85
C MET D 93 27.56 -31.84 -19.27
N TYR D 94 26.43 -31.39 -19.82
CA TYR D 94 25.90 -30.06 -19.52
C TYR D 94 24.75 -30.20 -18.53
N TYR D 95 24.91 -29.62 -17.35
CA TYR D 95 23.92 -29.67 -16.29
C TYR D 95 23.12 -28.38 -16.27
N CYS D 96 21.84 -28.49 -15.93
CA CYS D 96 20.97 -27.34 -15.73
C CYS D 96 20.65 -27.22 -14.25
N VAL D 97 20.94 -26.05 -13.67
CA VAL D 97 20.81 -25.82 -12.25
C VAL D 97 19.81 -24.70 -12.02
N ARG D 98 18.90 -24.89 -11.09
CA ARG D 98 17.97 -23.84 -10.70
C ARG D 98 18.52 -23.07 -9.51
N SER D 99 18.24 -21.78 -9.49
CA SER D 99 18.72 -20.91 -8.42
C SER D 99 17.71 -19.81 -8.18
N ILE D 100 17.36 -19.60 -6.92
CA ILE D 100 16.45 -18.54 -6.51
C ILE D 100 17.20 -17.65 -5.53
N TYR D 101 16.98 -16.34 -5.64
CA TYR D 101 17.75 -15.36 -4.88
C TYR D 101 16.82 -14.44 -4.11
N TYR D 102 16.73 -14.65 -2.80
CA TYR D 102 16.16 -13.69 -1.88
C TYR D 102 16.95 -13.81 -0.58
N TYR D 103 16.50 -13.10 0.45
CA TYR D 103 17.19 -13.17 1.73
C TYR D 103 16.92 -14.52 2.38
N GLY D 104 17.99 -15.28 2.62
CA GLY D 104 17.87 -16.59 3.20
C GLY D 104 17.56 -17.70 2.22
N SER D 105 17.68 -17.44 0.92
CA SER D 105 17.39 -18.45 -0.08
C SER D 105 18.52 -19.47 -0.17
N SER D 106 18.28 -20.51 -0.97
CA SER D 106 19.23 -21.61 -1.15
C SER D 106 19.52 -21.75 -2.63
N PRO D 107 20.44 -20.96 -3.17
CA PRO D 107 20.78 -21.08 -4.58
C PRO D 107 21.51 -22.38 -4.88
N PHE D 108 21.43 -22.79 -6.16
CA PHE D 108 22.01 -24.03 -6.67
C PHE D 108 21.49 -25.25 -5.92
N ASP D 109 20.19 -25.22 -5.58
CA ASP D 109 19.61 -26.26 -4.75
C ASP D 109 19.39 -27.57 -5.50
N PHE D 110 18.90 -27.51 -6.74
CA PHE D 110 18.60 -28.70 -7.51
C PHE D 110 19.36 -28.68 -8.82
N TRP D 111 19.89 -29.84 -9.21
CA TRP D 111 20.68 -30.02 -10.41
C TRP D 111 20.04 -31.08 -11.29
N GLY D 112 20.09 -30.86 -12.59
CA GLY D 112 19.53 -31.81 -13.55
C GLY D 112 20.46 -32.98 -13.82
N GLN D 113 19.94 -33.92 -14.59
CA GLN D 113 20.70 -35.14 -14.89
C GLN D 113 21.83 -34.88 -15.88
N GLY D 114 21.58 -34.06 -16.89
CA GLY D 114 22.64 -33.68 -17.80
C GLY D 114 22.61 -34.49 -19.09
N THR D 115 23.12 -33.89 -20.16
CA THR D 115 23.26 -34.53 -21.46
C THR D 115 24.70 -34.43 -21.93
N THR D 116 25.25 -35.54 -22.38
CA THR D 116 26.64 -35.59 -22.82
C THR D 116 26.74 -35.10 -24.26
N LEU D 117 27.65 -34.16 -24.49
CA LEU D 117 27.92 -33.63 -25.82
C LEU D 117 29.34 -34.01 -26.22
N THR D 118 29.50 -34.43 -27.48
CA THR D 118 30.79 -34.86 -27.98
C THR D 118 31.08 -34.14 -29.29
N VAL D 119 32.29 -33.58 -29.40
CA VAL D 119 32.76 -32.95 -30.62
C VAL D 119 33.96 -33.75 -31.12
N SER D 120 33.91 -34.18 -32.38
CA SER D 120 34.94 -35.02 -32.94
C SER D 120 36.21 -34.21 -33.20
N SER D 121 37.30 -34.94 -33.43
CA SER D 121 38.64 -34.41 -33.71
C SER D 121 39.15 -33.45 -32.62
N SER D 136 39.85 -9.75 -12.44
CA SER D 136 39.96 -11.09 -13.02
C SER D 136 39.01 -12.07 -12.32
N ASP D 137 39.34 -13.35 -12.42
CA ASP D 137 38.49 -14.41 -11.88
C ASP D 137 39.05 -14.89 -10.55
N ILE D 138 38.16 -15.14 -9.59
CA ILE D 138 38.54 -15.57 -8.26
C ILE D 138 38.92 -17.04 -8.34
N VAL D 139 40.22 -17.33 -8.29
CA VAL D 139 40.69 -18.71 -8.40
C VAL D 139 40.42 -19.43 -7.08
N MET D 140 39.66 -20.50 -7.15
CA MET D 140 39.38 -21.34 -5.99
C MET D 140 40.30 -22.56 -6.06
N THR D 141 41.13 -22.72 -5.03
CA THR D 141 42.15 -23.75 -5.01
C THR D 141 41.82 -24.79 -3.95
N GLN D 142 41.80 -26.06 -4.37
CA GLN D 142 41.68 -27.20 -3.46
C GLN D 142 42.93 -28.05 -3.68
N ALA D 143 43.93 -27.87 -2.81
CA ALA D 143 45.20 -28.55 -2.97
C ALA D 143 45.09 -30.05 -2.74
N THR D 144 44.17 -30.47 -1.87
CA THR D 144 43.97 -31.89 -1.63
C THR D 144 43.26 -32.54 -2.81
N SER D 145 43.61 -33.79 -3.06
CA SER D 145 42.96 -34.58 -4.11
C SER D 145 43.15 -36.05 -3.80
N SER D 146 42.04 -36.79 -3.77
CA SER D 146 42.01 -38.25 -3.57
C SER D 146 42.65 -38.65 -2.23
N VAL D 147 42.03 -38.19 -1.15
CA VAL D 147 42.50 -38.55 0.19
C VAL D 147 41.82 -39.83 0.63
N PRO D 148 42.53 -40.73 1.34
CA PRO D 148 41.90 -41.97 1.78
C PRO D 148 41.04 -41.76 3.02
N VAL D 149 39.89 -42.45 3.04
CA VAL D 149 38.94 -42.31 4.13
C VAL D 149 38.59 -43.68 4.68
N THR D 150 38.14 -43.69 5.93
CA THR D 150 37.70 -44.88 6.64
C THR D 150 36.36 -44.56 7.27
N PRO D 151 35.36 -45.44 7.15
CA PRO D 151 34.04 -45.14 7.72
C PRO D 151 34.07 -45.01 9.23
N GLY D 152 33.28 -44.06 9.74
CA GLY D 152 33.27 -43.74 11.15
C GLY D 152 34.31 -42.75 11.59
N GLU D 153 35.09 -42.19 10.68
CA GLU D 153 36.12 -41.21 11.01
C GLU D 153 35.63 -39.81 10.70
N SER D 154 36.51 -38.82 10.84
CA SER D 154 36.20 -37.43 10.57
C SER D 154 37.13 -36.91 9.49
N VAL D 155 36.54 -36.34 8.44
CA VAL D 155 37.27 -35.89 7.26
C VAL D 155 37.08 -34.38 7.11
N SER D 156 38.18 -33.66 6.96
CA SER D 156 38.16 -32.23 6.74
C SER D 156 38.68 -31.93 5.34
N ILE D 157 37.88 -31.23 4.55
CA ILE D 157 38.24 -30.82 3.20
C ILE D 157 38.45 -29.31 3.20
N SER D 158 39.62 -28.88 2.79
CA SER D 158 40.00 -27.47 2.86
C SER D 158 39.85 -26.79 1.51
N CYS D 159 39.49 -25.52 1.56
CA CYS D 159 39.26 -24.73 0.36
C CYS D 159 39.92 -23.37 0.54
N ARG D 160 40.40 -22.80 -0.56
CA ARG D 160 41.14 -21.55 -0.52
C ARG D 160 40.64 -20.64 -1.65
N SER D 161 40.80 -19.33 -1.45
CA SER D 161 40.34 -18.35 -2.42
C SER D 161 41.41 -17.29 -2.63
N SER D 162 41.47 -16.75 -3.84
CA SER D 162 42.40 -15.66 -4.13
C SER D 162 41.89 -14.34 -3.57
N LYS D 163 40.58 -14.12 -3.63
CA LYS D 163 39.95 -12.91 -3.10
C LYS D 163 39.09 -13.28 -1.91
N SER D 164 39.06 -12.39 -0.91
CA SER D 164 38.28 -12.63 0.29
C SER D 164 36.80 -12.53 -0.03
N LEU D 165 36.07 -13.61 0.26
CA LEU D 165 34.66 -13.72 -0.11
C LEU D 165 33.72 -13.11 0.92
N LEU D 166 34.25 -12.57 2.02
CA LEU D 166 33.42 -11.94 3.04
C LEU D 166 33.04 -10.54 2.55
N HIS D 167 31.78 -10.36 2.20
CA HIS D 167 31.29 -9.09 1.71
C HIS D 167 31.07 -8.13 2.89
N SER D 168 30.71 -6.90 2.55
CA SER D 168 30.44 -5.89 3.58
C SER D 168 29.13 -6.16 4.33
N ASN D 169 28.25 -6.99 3.79
CA ASN D 169 27.00 -7.32 4.45
C ASN D 169 27.14 -8.52 5.39
N GLY D 170 28.34 -9.05 5.56
CA GLY D 170 28.56 -10.14 6.49
C GLY D 170 28.33 -11.52 5.94
N ASN D 171 28.19 -11.66 4.62
CA ASN D 171 27.94 -12.95 3.99
C ASN D 171 29.21 -13.42 3.28
N THR D 172 29.61 -14.66 3.56
CA THR D 172 30.67 -15.32 2.83
C THR D 172 30.04 -16.24 1.79
N TYR D 173 30.29 -15.96 0.52
CA TYR D 173 29.66 -16.68 -0.57
C TYR D 173 30.54 -17.84 -1.00
N LEU D 174 30.50 -18.91 -0.21
CA LEU D 174 31.19 -20.15 -0.51
C LEU D 174 30.20 -21.29 -0.50
N TYR D 175 30.13 -22.02 -1.61
CA TYR D 175 29.15 -23.08 -1.80
C TYR D 175 29.85 -24.42 -1.87
N TRP D 176 29.25 -25.44 -1.27
CA TRP D 176 29.80 -26.78 -1.24
C TRP D 176 28.87 -27.75 -1.97
N PHE D 177 29.46 -28.60 -2.81
CA PHE D 177 28.70 -29.54 -3.61
C PHE D 177 29.29 -30.93 -3.48
N LEU D 178 28.43 -31.93 -3.71
CA LEU D 178 28.82 -33.33 -3.62
C LEU D 178 28.45 -34.03 -4.91
N GLN D 179 29.44 -34.65 -5.55
CA GLN D 179 29.25 -35.39 -6.80
C GLN D 179 29.41 -36.87 -6.47
N ARG D 180 28.30 -37.57 -6.36
CA ARG D 180 28.36 -39.02 -6.16
C ARG D 180 28.67 -39.70 -7.48
N PRO D 181 29.27 -40.89 -7.45
CA PRO D 181 29.70 -41.56 -8.70
C PRO D 181 28.51 -41.94 -9.57
N GLY D 182 28.53 -41.45 -10.81
CA GLY D 182 27.42 -41.66 -11.73
C GLY D 182 26.15 -40.96 -11.32
N GLN D 183 26.25 -39.70 -10.87
CA GLN D 183 25.09 -38.99 -10.38
C GLN D 183 25.30 -37.49 -10.56
N SER D 184 24.20 -36.76 -10.47
CA SER D 184 24.23 -35.32 -10.56
C SER D 184 24.71 -34.72 -9.22
N PRO D 185 25.35 -33.54 -9.26
CA PRO D 185 25.79 -32.91 -8.01
C PRO D 185 24.63 -32.46 -7.13
N GLN D 186 24.89 -32.43 -5.83
CA GLN D 186 23.92 -32.01 -4.83
C GLN D 186 24.53 -30.94 -3.95
N LEU D 187 23.69 -30.05 -3.46
CA LEU D 187 24.13 -28.93 -2.64
C LEU D 187 24.13 -29.33 -1.17
N LEU D 188 25.25 -29.07 -0.49
CA LEU D 188 25.39 -29.35 0.92
C LEU D 188 25.35 -28.10 1.78
N ILE D 189 26.18 -27.11 1.46
CA ILE D 189 26.34 -25.90 2.26
C ILE D 189 26.33 -24.73 1.29
N TYR D 190 25.38 -23.79 1.46
CA TYR D 190 25.20 -22.74 0.47
C TYR D 190 25.95 -21.47 0.83
N ARG D 191 25.65 -20.86 1.96
CA ARG D 191 26.58 -19.94 2.60
C ARG D 191 27.26 -20.71 3.73
N MET D 192 28.35 -20.15 4.24
CA MET D 192 29.14 -20.84 5.25
C MET D 192 28.32 -21.13 6.50
N SER D 193 28.38 -22.40 6.95
CA SER D 193 27.58 -22.93 8.05
C SER D 193 26.08 -22.73 7.81
N ASN D 194 25.64 -23.11 6.61
CA ASN D 194 24.22 -23.11 6.26
C ASN D 194 23.91 -24.44 5.58
N LEU D 195 23.37 -25.38 6.34
CA LEU D 195 23.10 -26.73 5.84
C LEU D 195 21.89 -26.72 4.92
N ALA D 196 22.01 -27.37 3.78
CA ALA D 196 20.93 -27.40 2.80
C ALA D 196 19.84 -28.36 3.24
N SER D 197 18.67 -28.23 2.61
CA SER D 197 17.53 -29.07 2.95
C SER D 197 17.75 -30.49 2.44
N GLY D 198 17.56 -31.46 3.33
CA GLY D 198 17.78 -32.85 3.01
C GLY D 198 19.16 -33.38 3.35
N VAL D 199 20.13 -32.50 3.54
CA VAL D 199 21.47 -32.92 3.92
C VAL D 199 21.48 -33.33 5.39
N PRO D 200 22.02 -34.50 5.73
CA PRO D 200 22.07 -34.90 7.15
C PRO D 200 22.95 -33.97 7.96
N ASP D 201 22.59 -33.82 9.23
CA ASP D 201 23.21 -32.82 10.12
C ASP D 201 24.52 -33.32 10.72
N ARG D 202 25.42 -33.79 9.87
CA ARG D 202 26.79 -34.08 10.27
C ARG D 202 27.82 -33.31 9.46
N PHE D 203 27.48 -32.87 8.25
CA PHE D 203 28.31 -31.94 7.52
C PHE D 203 28.28 -30.59 8.19
N SER D 204 29.44 -29.93 8.26
CA SER D 204 29.54 -28.61 8.84
C SER D 204 30.54 -27.79 8.04
N GLY D 205 30.38 -26.49 8.09
CA GLY D 205 31.28 -25.59 7.38
C GLY D 205 31.76 -24.47 8.27
N SER D 206 33.00 -24.06 8.05
CA SER D 206 33.61 -22.98 8.81
C SER D 206 34.70 -22.34 7.97
N GLY D 207 35.09 -21.13 8.37
CA GLY D 207 36.15 -20.42 7.69
C GLY D 207 36.11 -18.95 8.05
N SER D 208 37.05 -18.23 7.45
CA SER D 208 37.12 -16.77 7.64
C SER D 208 37.92 -16.18 6.49
N GLY D 209 37.24 -15.43 5.62
CA GLY D 209 37.95 -14.75 4.55
C GLY D 209 38.43 -15.67 3.45
N THR D 210 39.74 -15.93 3.43
CA THR D 210 40.34 -16.76 2.40
C THR D 210 40.19 -18.25 2.71
N ALA D 211 40.52 -18.65 3.93
CA ALA D 211 40.55 -20.08 4.27
C ALA D 211 39.15 -20.61 4.54
N PHE D 212 38.92 -21.86 4.13
CA PHE D 212 37.63 -22.51 4.30
C PHE D 212 37.84 -23.96 4.69
N THR D 213 36.86 -24.52 5.39
CA THR D 213 36.88 -25.92 5.79
C THR D 213 35.51 -26.54 5.58
N LEU D 214 35.50 -27.85 5.35
CA LEU D 214 34.28 -28.65 5.31
C LEU D 214 34.52 -29.91 6.13
N THR D 215 33.77 -30.07 7.22
CA THR D 215 33.99 -31.15 8.16
C THR D 215 32.84 -32.13 8.11
N ILE D 216 33.16 -33.41 7.92
CA ILE D 216 32.21 -34.50 8.01
C ILE D 216 32.45 -35.22 9.33
N SER D 217 31.40 -35.38 10.12
CA SER D 217 31.55 -35.91 11.48
C SER D 217 31.80 -37.41 11.48
N ARG D 218 30.86 -38.19 10.94
CA ARG D 218 30.99 -39.65 10.89
C ARG D 218 30.51 -40.10 9.51
N LEU D 219 31.45 -40.22 8.57
CA LEU D 219 31.09 -40.46 7.19
C LEU D 219 30.70 -41.92 6.97
N GLU D 220 29.81 -42.12 6.00
CA GLU D 220 29.29 -43.42 5.62
C GLU D 220 29.69 -43.72 4.18
N ALA D 221 29.13 -44.79 3.63
CA ALA D 221 29.41 -45.16 2.25
C ALA D 221 28.72 -44.25 1.25
N GLU D 222 27.69 -43.51 1.67
CA GLU D 222 26.98 -42.59 0.79
C GLU D 222 27.68 -41.24 0.66
N ASP D 223 28.72 -40.98 1.45
CA ASP D 223 29.46 -39.74 1.38
C ASP D 223 30.68 -39.83 0.49
N VAL D 224 30.90 -40.96 -0.17
CA VAL D 224 32.02 -41.12 -1.08
C VAL D 224 31.71 -40.37 -2.38
N GLY D 225 32.61 -39.49 -2.77
CA GLY D 225 32.43 -38.74 -4.00
C GLY D 225 33.46 -37.64 -4.12
N VAL D 226 33.15 -36.68 -5.00
CA VAL D 226 34.02 -35.54 -5.26
C VAL D 226 33.34 -34.30 -4.72
N TYR D 227 34.06 -33.54 -3.89
CA TYR D 227 33.52 -32.36 -3.22
C TYR D 227 34.06 -31.11 -3.90
N TYR D 228 33.15 -30.23 -4.32
CA TYR D 228 33.51 -29.08 -5.15
C TYR D 228 33.25 -27.78 -4.40
N CYS D 229 34.17 -26.83 -4.54
CA CYS D 229 33.99 -25.46 -4.07
C CYS D 229 33.34 -24.62 -5.15
N MET D 230 32.70 -23.54 -4.73
CA MET D 230 32.15 -22.55 -5.65
C MET D 230 32.02 -21.24 -4.91
N GLN D 231 32.26 -20.15 -5.62
CA GLN D 231 32.05 -18.81 -5.09
C GLN D 231 30.94 -18.12 -5.85
N HIS D 232 30.18 -17.29 -5.13
CA HIS D 232 29.12 -16.49 -5.74
C HIS D 232 29.30 -15.02 -5.44
N LEU D 233 30.53 -14.61 -5.09
CA LEU D 233 30.80 -13.20 -4.82
C LEU D 233 30.64 -12.35 -6.07
N GLU D 234 31.14 -12.83 -7.20
CA GLU D 234 31.00 -12.14 -8.46
C GLU D 234 31.10 -13.14 -9.60
N TYR D 235 30.47 -12.80 -10.72
CA TYR D 235 30.55 -13.62 -11.90
C TYR D 235 31.95 -13.50 -12.52
N PRO D 236 32.44 -14.54 -13.23
CA PRO D 236 31.78 -15.75 -13.75
C PRO D 236 31.84 -17.03 -12.91
N LEU D 237 31.72 -16.95 -11.58
CA LEU D 237 31.37 -18.09 -10.71
C LEU D 237 32.34 -19.26 -10.86
N THR D 238 33.59 -19.02 -10.48
CA THR D 238 34.61 -20.04 -10.63
C THR D 238 34.44 -21.14 -9.60
N PHE D 239 34.57 -22.38 -10.05
CA PHE D 239 34.57 -23.55 -9.19
C PHE D 239 36.00 -23.88 -8.77
N GLY D 240 36.20 -25.06 -8.20
CA GLY D 240 37.53 -25.54 -7.92
C GLY D 240 37.66 -27.00 -8.30
N ALA D 241 38.91 -27.42 -8.49
CA ALA D 241 39.19 -28.82 -8.79
C ALA D 241 38.89 -29.66 -7.55
N GLY D 242 37.94 -30.59 -7.70
CA GLY D 242 37.34 -31.22 -6.55
C GLY D 242 38.26 -32.18 -5.83
N THR D 243 37.94 -32.40 -4.56
CA THR D 243 38.64 -33.36 -3.72
C THR D 243 37.84 -34.65 -3.65
N LYS D 244 38.50 -35.77 -3.91
CA LYS D 244 37.85 -37.07 -3.96
C LYS D 244 38.02 -37.81 -2.66
N LEU D 245 36.95 -38.46 -2.21
CA LEU D 245 37.00 -39.38 -1.07
C LEU D 245 36.89 -40.79 -1.61
N GLU D 246 37.86 -41.64 -1.27
CA GLU D 246 37.87 -43.02 -1.70
C GLU D 246 38.14 -43.92 -0.50
N LEU D 247 37.41 -45.02 -0.42
CA LEU D 247 37.54 -45.97 0.70
C LEU D 247 38.87 -46.71 0.63
N MET E 152 -5.13 60.51 -34.74
CA MET E 152 -5.83 59.39 -34.11
C MET E 152 -4.84 58.32 -33.64
N GLY E 153 -3.61 58.42 -34.14
CA GLY E 153 -2.59 57.44 -33.75
C GLY E 153 -2.16 57.57 -32.30
N GLY E 154 -2.01 58.81 -31.83
CA GLY E 154 -1.53 59.03 -30.47
C GLY E 154 -2.52 58.60 -29.40
N VAL E 155 -3.80 58.90 -29.60
CA VAL E 155 -4.82 58.50 -28.63
C VAL E 155 -5.00 56.98 -28.62
N ILE E 156 -4.90 56.33 -29.78
CA ILE E 156 -4.99 54.88 -29.84
C ILE E 156 -3.77 54.24 -29.17
N LYS E 157 -2.59 54.83 -29.40
CA LYS E 157 -1.37 54.33 -28.74
C LYS E 157 -1.55 54.44 -27.22
N SER E 158 -1.98 55.60 -26.73
CA SER E 158 -2.13 55.81 -25.30
C SER E 158 -3.17 54.85 -24.71
N ILE E 159 -4.25 54.60 -25.44
CA ILE E 159 -5.28 53.65 -25.00
C ILE E 159 -4.69 52.25 -24.90
N PHE E 160 -3.91 51.84 -25.90
CA PHE E 160 -3.28 50.52 -25.85
C PHE E 160 -2.21 50.43 -24.78
N THR E 161 -1.52 51.54 -24.49
CA THR E 161 -0.57 51.57 -23.38
C THR E 161 -1.29 51.35 -22.05
N PHE E 162 -2.43 52.01 -21.85
CA PHE E 162 -3.21 51.81 -20.63
C PHE E 162 -3.75 50.39 -20.55
N VAL E 163 -4.18 49.83 -21.69
CA VAL E 163 -4.67 48.46 -21.75
C VAL E 163 -3.57 47.48 -21.37
N LEU E 164 -2.35 47.70 -21.88
CA LEU E 164 -1.23 46.83 -21.55
C LEU E 164 -0.82 46.95 -20.09
N ILE E 165 -0.91 48.17 -19.51
CA ILE E 165 -0.62 48.33 -18.09
C ILE E 165 -1.63 47.56 -17.23
N VAL E 166 -2.91 47.66 -17.60
CA VAL E 166 -3.97 46.93 -16.90
C VAL E 166 -3.77 45.42 -17.05
N GLU E 167 -3.38 44.98 -18.24
CA GLU E 167 -3.14 43.55 -18.48
C GLU E 167 -1.95 43.04 -17.68
N PHE E 168 -0.88 43.85 -17.58
CA PHE E 168 0.27 43.47 -16.77
C PHE E 168 -0.10 43.35 -15.30
N ILE E 169 -0.87 44.31 -14.78
CA ILE E 169 -1.30 44.27 -13.37
C ILE E 169 -2.18 43.04 -13.12
N ILE E 170 -3.14 42.79 -14.02
CA ILE E 170 -4.08 41.68 -13.85
C ILE E 170 -3.36 40.34 -13.93
N GLY E 171 -2.49 40.17 -14.93
CA GLY E 171 -1.79 38.91 -15.09
C GLY E 171 -0.80 38.64 -13.98
N ASN E 172 -0.04 39.67 -13.58
CA ASN E 172 0.91 39.51 -12.48
C ASN E 172 0.19 39.19 -11.18
N LEU E 173 -0.92 39.88 -10.89
CA LEU E 173 -1.66 39.62 -9.66
C LEU E 173 -2.28 38.22 -9.67
N GLY E 174 -2.91 37.82 -10.78
CA GLY E 174 -3.56 36.52 -10.83
C GLY E 174 -2.59 35.35 -10.76
N ASN E 175 -1.51 35.43 -11.54
CA ASN E 175 -0.56 34.31 -11.53
C ASN E 175 0.28 34.29 -10.26
N SER E 176 0.60 35.47 -9.70
CA SER E 176 1.24 35.50 -8.39
C SER E 176 0.32 34.94 -7.32
N PHE E 177 -0.99 35.19 -7.43
CA PHE E 177 -1.95 34.61 -6.50
C PHE E 177 -1.98 33.10 -6.60
N ILE E 178 -2.00 32.56 -7.82
CA ILE E 178 -2.04 31.11 -8.00
C ILE E 178 -0.77 30.46 -7.46
N ALA E 179 0.40 30.98 -7.86
CA ALA E 179 1.66 30.43 -7.40
C ALA E 179 1.85 30.60 -5.90
N LEU E 180 1.41 31.73 -5.35
CA LEU E 180 1.56 32.01 -3.93
C LEU E 180 0.65 31.14 -3.08
N VAL E 181 -0.60 30.92 -3.54
CA VAL E 181 -1.51 30.03 -2.82
C VAL E 181 -0.98 28.60 -2.83
N ASN E 182 -0.48 28.14 -4.00
CA ASN E 182 0.05 26.78 -4.05
C ASN E 182 1.33 26.63 -3.24
N CYS E 183 2.17 27.67 -3.19
CA CYS E 183 3.40 27.59 -2.39
C CYS E 183 3.11 27.65 -0.90
N ILE E 184 2.13 28.47 -0.49
CA ILE E 184 1.72 28.52 0.92
C ILE E 184 1.13 27.18 1.34
N ASP E 185 0.30 26.57 0.48
CA ASP E 185 -0.23 25.25 0.78
C ASP E 185 0.87 24.20 0.79
N TRP E 186 1.92 24.37 -0.02
CA TRP E 186 3.02 23.42 0.00
C TRP E 186 3.86 23.54 1.28
N VAL E 187 4.03 24.76 1.79
CA VAL E 187 4.86 24.97 2.97
C VAL E 187 4.16 24.48 4.23
N LYS E 188 2.87 24.83 4.40
CA LYS E 188 2.15 24.56 5.64
C LYS E 188 1.56 23.16 5.65
N GLY E 189 2.43 22.16 5.47
CA GLY E 189 1.97 20.79 5.33
C GLY E 189 1.19 20.66 4.03
N ARG E 190 -0.05 20.16 4.14
CA ARG E 190 -1.14 20.36 3.18
C ARG E 190 -0.74 19.95 1.76
N LYS E 191 -0.54 18.63 1.60
CA LYS E 191 -0.08 18.08 0.33
C LYS E 191 -1.07 18.38 -0.80
N ILE E 192 -0.52 18.70 -1.97
CA ILE E 192 -1.30 19.21 -3.09
C ILE E 192 -1.40 18.16 -4.18
N SER E 193 -2.42 18.31 -5.03
CA SER E 193 -2.67 17.38 -6.12
C SER E 193 -1.86 17.77 -7.35
N SER E 194 -1.90 16.90 -8.37
CA SER E 194 -1.12 17.12 -9.57
C SER E 194 -1.71 18.22 -10.44
N VAL E 195 -3.03 18.44 -10.37
CA VAL E 195 -3.64 19.58 -11.03
C VAL E 195 -3.09 20.88 -10.45
N ASP E 196 -2.86 20.89 -9.14
CA ASP E 196 -2.24 22.05 -8.50
C ASP E 196 -0.80 22.25 -8.96
N ARG E 197 -0.08 21.15 -9.24
CA ARG E 197 1.28 21.26 -9.75
C ARG E 197 1.29 21.84 -11.17
N ILE E 198 0.38 21.38 -12.02
CA ILE E 198 0.28 21.94 -13.37
C ILE E 198 -0.15 23.40 -13.32
N LEU E 199 -1.04 23.74 -12.39
CA LEU E 199 -1.50 25.12 -12.27
C LEU E 199 -0.41 26.05 -11.77
N THR E 200 0.42 25.61 -10.81
CA THR E 200 1.51 26.48 -10.38
C THR E 200 2.64 26.54 -11.40
N ALA E 201 2.83 25.48 -12.20
CA ALA E 201 3.76 25.57 -13.32
C ALA E 201 3.28 26.58 -14.36
N LEU E 202 1.97 26.57 -14.65
CA LEU E 202 1.39 27.57 -15.53
C LEU E 202 1.52 28.97 -14.96
N ALA E 203 1.34 29.11 -13.65
CA ALA E 203 1.47 30.42 -13.01
C ALA E 203 2.89 30.97 -13.11
N ILE E 204 3.88 30.09 -12.89
CA ILE E 204 5.30 30.52 -13.03
C ILE E 204 5.56 30.92 -14.49
N SER E 205 5.11 30.09 -15.44
CA SER E 205 5.36 30.36 -16.85
C SER E 205 4.70 31.66 -17.30
N ARG E 206 3.47 31.92 -16.83
CA ARG E 206 2.79 33.14 -17.23
C ARG E 206 3.34 34.38 -16.52
N ILE E 207 3.85 34.23 -15.29
CA ILE E 207 4.58 35.32 -14.64
C ILE E 207 5.81 35.68 -15.46
N SER E 208 6.56 34.67 -15.89
CA SER E 208 7.76 34.90 -16.69
C SER E 208 7.41 35.55 -18.03
N LEU E 209 6.32 35.10 -18.66
CA LEU E 209 5.91 35.63 -19.95
C LEU E 209 5.46 37.08 -19.84
N VAL E 210 4.61 37.40 -18.86
CA VAL E 210 4.12 38.77 -18.76
C VAL E 210 5.22 39.71 -18.29
N TRP E 211 6.17 39.23 -17.48
CA TRP E 211 7.31 40.06 -17.10
C TRP E 211 8.23 40.30 -18.30
N LEU E 212 8.39 39.29 -19.15
CA LEU E 212 9.20 39.45 -20.36
C LEU E 212 8.60 40.46 -21.32
N ILE E 213 7.28 40.39 -21.55
CA ILE E 213 6.66 41.32 -22.49
C ILE E 213 6.61 42.73 -21.90
N PHE E 214 6.41 42.86 -20.58
CA PHE E 214 6.41 44.19 -19.98
C PHE E 214 7.82 44.78 -19.98
N GLY E 215 8.85 43.96 -19.77
CA GLY E 215 10.21 44.44 -19.91
C GLY E 215 10.54 44.83 -21.34
N SER E 216 9.99 44.10 -22.31
CA SER E 216 10.16 44.46 -23.71
C SER E 216 9.53 45.82 -24.02
N TRP E 217 8.34 46.07 -23.47
CA TRP E 217 7.70 47.37 -23.64
C TRP E 217 8.49 48.47 -22.93
N CYS E 218 9.07 48.16 -21.77
CA CYS E 218 9.89 49.13 -21.06
C CYS E 218 11.15 49.48 -21.85
N VAL E 219 11.78 48.48 -22.47
CA VAL E 219 12.94 48.74 -23.34
C VAL E 219 12.51 49.53 -24.57
N SER E 220 11.30 49.26 -25.08
CA SER E 220 10.78 50.00 -26.23
C SER E 220 10.58 51.47 -25.91
N VAL E 221 10.07 51.77 -24.72
CA VAL E 221 9.75 53.16 -24.37
C VAL E 221 11.00 53.90 -23.89
N PHE E 222 11.66 53.37 -22.87
CA PHE E 222 12.87 54.00 -22.33
C PHE E 222 14.10 53.40 -22.98
N PHE E 223 15.03 54.27 -23.38
CA PHE E 223 16.22 53.99 -24.17
C PHE E 223 15.92 53.05 -25.35
N PRO E 224 15.31 53.57 -26.42
CA PRO E 224 14.99 52.75 -27.58
C PRO E 224 16.17 52.45 -28.50
N ALA E 225 17.34 53.03 -28.23
CA ALA E 225 18.51 52.75 -29.06
C ALA E 225 18.96 51.30 -28.93
N LEU E 226 18.93 50.75 -27.72
CA LEU E 226 19.16 49.32 -27.54
C LEU E 226 17.97 48.48 -28.00
N PHE E 227 16.78 49.06 -28.03
CA PHE E 227 15.60 48.34 -28.50
C PHE E 227 15.62 48.14 -30.01
N ALA E 228 16.22 49.08 -30.75
CA ALA E 228 16.22 49.03 -32.19
C ALA E 228 17.25 48.07 -32.78
N THR E 229 18.15 47.52 -31.95
CA THR E 229 19.17 46.63 -32.45
C THR E 229 18.58 45.28 -32.88
N GLU E 230 19.17 44.69 -33.92
CA GLU E 230 18.69 43.38 -34.42
C GLU E 230 18.99 42.30 -33.40
N LYS E 231 20.15 42.39 -32.74
CA LYS E 231 20.55 41.35 -31.80
C LYS E 231 19.52 41.18 -30.68
N MET E 232 19.06 42.30 -30.12
CA MET E 232 18.01 42.24 -29.11
C MET E 232 16.69 41.76 -29.69
N PHE E 233 16.42 42.09 -30.96
CA PHE E 233 15.24 41.59 -31.66
C PHE E 233 15.27 40.06 -31.75
N ARG E 234 16.39 39.49 -32.20
CA ARG E 234 16.51 38.04 -32.32
C ARG E 234 16.44 37.37 -30.95
N MET E 235 17.16 37.93 -29.98
CA MET E 235 17.18 37.33 -28.62
C MET E 235 15.77 37.38 -28.00
N LEU E 236 15.08 38.52 -28.14
CA LEU E 236 13.77 38.68 -27.52
C LEU E 236 12.74 37.78 -28.19
N THR E 237 12.80 37.64 -29.52
CA THR E 237 11.87 36.74 -30.21
C THR E 237 12.11 35.28 -29.82
N ASN E 238 13.38 34.87 -29.74
CA ASN E 238 13.68 33.49 -29.35
C ASN E 238 13.29 33.22 -27.91
N ILE E 239 13.54 34.17 -27.01
CA ILE E 239 13.16 34.00 -25.60
C ILE E 239 11.64 33.95 -25.48
N TRP E 240 10.93 34.79 -26.25
CA TRP E 240 9.48 34.78 -26.21
C TRP E 240 8.91 33.45 -26.70
N THR E 241 9.44 32.91 -27.79
CA THR E 241 8.85 31.66 -28.27
C THR E 241 9.22 30.48 -27.38
N VAL E 242 10.41 30.51 -26.75
CA VAL E 242 10.77 29.48 -25.78
C VAL E 242 9.83 29.51 -24.57
N ILE E 243 9.55 30.72 -24.06
CA ILE E 243 8.64 30.83 -22.92
C ILE E 243 7.21 30.47 -23.32
N ASN E 244 6.76 30.96 -24.48
CA ASN E 244 5.36 30.81 -24.88
C ASN E 244 5.01 29.38 -25.26
N HIS E 245 5.94 28.62 -25.84
CA HIS E 245 5.66 27.23 -26.17
C HIS E 245 5.36 26.42 -24.91
N PHE E 246 6.16 26.60 -23.86
CA PHE E 246 5.89 25.95 -22.59
C PHE E 246 4.61 26.49 -21.95
N SER E 247 4.40 27.81 -22.03
CA SER E 247 3.25 28.44 -21.38
C SER E 247 1.93 28.05 -22.00
N VAL E 248 1.91 27.68 -23.28
CA VAL E 248 0.69 27.24 -23.94
C VAL E 248 0.54 25.72 -23.89
N TRP E 249 1.65 24.98 -24.02
CA TRP E 249 1.53 23.53 -23.96
C TRP E 249 1.30 23.02 -22.54
N LEU E 250 1.62 23.81 -21.51
CA LEU E 250 1.22 23.43 -20.16
C LEU E 250 -0.29 23.56 -19.97
N ALA E 251 -0.90 24.60 -20.55
CA ALA E 251 -2.34 24.72 -20.52
C ALA E 251 -3.01 23.62 -21.35
N THR E 252 -2.40 23.25 -22.46
CA THR E 252 -2.91 22.13 -23.26
C THR E 252 -2.78 20.81 -22.51
N GLY E 253 -1.69 20.64 -21.76
CA GLY E 253 -1.56 19.46 -20.91
C GLY E 253 -2.54 19.45 -19.76
N LEU E 254 -2.88 20.63 -19.22
CA LEU E 254 -3.94 20.72 -18.21
C LEU E 254 -5.30 20.33 -18.79
N GLY E 255 -5.58 20.77 -20.02
CA GLY E 255 -6.79 20.35 -20.69
C GLY E 255 -6.81 18.85 -20.98
N THR E 256 -5.64 18.29 -21.31
CA THR E 256 -5.52 16.84 -21.48
C THR E 256 -5.77 16.11 -20.17
N PHE E 257 -5.26 16.66 -19.06
CA PHE E 257 -5.52 16.10 -17.74
C PHE E 257 -7.00 16.09 -17.43
N TYR E 258 -7.68 17.21 -17.70
CA TYR E 258 -9.12 17.30 -17.45
C TYR E 258 -9.90 16.33 -18.31
N PHE E 259 -9.54 16.21 -19.59
CA PHE E 259 -10.26 15.32 -20.49
C PHE E 259 -10.04 13.86 -20.15
N LEU E 260 -8.81 13.49 -19.75
CA LEU E 260 -8.55 12.11 -19.38
C LEU E 260 -9.21 11.75 -18.05
N LYS E 261 -9.15 12.67 -17.08
CA LYS E 261 -9.66 12.35 -15.75
C LYS E 261 -11.19 12.40 -15.68
N ILE E 262 -11.83 13.28 -16.44
CA ILE E 262 -13.27 13.53 -16.30
C ILE E 262 -14.09 12.69 -17.26
N ALA E 263 -13.75 12.72 -18.55
CA ALA E 263 -14.60 12.13 -19.57
C ALA E 263 -14.65 10.62 -19.47
N ASN E 264 -15.81 10.06 -19.82
CA ASN E 264 -16.11 8.64 -19.64
C ASN E 264 -16.17 7.97 -21.01
N PHE E 265 -15.15 7.18 -21.32
CA PHE E 265 -15.07 6.41 -22.55
C PHE E 265 -14.61 5.00 -22.24
N SER E 266 -15.00 4.05 -23.08
CA SER E 266 -14.67 2.64 -22.88
C SER E 266 -13.64 2.14 -23.87
N ASN E 267 -12.91 3.03 -24.54
CA ASN E 267 -11.87 2.62 -25.46
C ASN E 267 -10.69 2.05 -24.69
N SER E 268 -9.96 1.13 -25.36
CA SER E 268 -8.78 0.54 -24.73
C SER E 268 -7.62 1.53 -24.68
N ILE E 269 -7.44 2.31 -25.75
CA ILE E 269 -6.39 3.33 -25.76
C ILE E 269 -6.71 4.44 -24.77
N PHE E 270 -8.00 4.79 -24.65
CA PHE E 270 -8.40 5.80 -23.67
C PHE E 270 -8.14 5.33 -22.25
N LEU E 271 -8.37 4.05 -21.96
CA LEU E 271 -8.08 3.54 -20.63
C LEU E 271 -6.58 3.42 -20.39
N TYR E 272 -5.81 3.14 -21.44
CA TYR E 272 -4.35 3.12 -21.31
C TYR E 272 -3.80 4.51 -21.00
N LEU E 273 -4.36 5.54 -21.63
CA LEU E 273 -3.94 6.91 -21.29
C LEU E 273 -4.50 7.37 -19.95
N LYS E 274 -5.68 6.88 -19.57
CA LYS E 274 -6.34 7.26 -18.33
C LYS E 274 -5.70 6.61 -17.10
N TRP E 275 -5.03 5.47 -17.27
CA TRP E 275 -4.31 4.89 -16.14
C TRP E 275 -3.00 5.61 -15.85
N ARG E 276 -2.46 6.35 -16.83
CA ARG E 276 -1.13 6.94 -16.76
C ARG E 276 -1.19 8.43 -17.08
N VAL E 277 -2.11 9.15 -16.43
CA VAL E 277 -2.43 10.52 -16.81
C VAL E 277 -1.23 11.45 -16.59
N LYS E 278 -0.55 11.31 -15.45
CA LYS E 278 0.65 12.11 -15.19
C LYS E 278 1.75 11.77 -16.18
N LYS E 279 1.92 10.49 -16.49
CA LYS E 279 2.88 10.10 -17.51
C LYS E 279 2.47 10.62 -18.87
N VAL E 280 1.17 10.66 -19.16
CA VAL E 280 0.70 11.15 -20.46
C VAL E 280 0.97 12.64 -20.63
N VAL E 281 0.70 13.45 -19.59
CA VAL E 281 0.95 14.88 -19.70
C VAL E 281 2.45 15.17 -19.73
N LEU E 282 3.26 14.37 -19.00
CA LEU E 282 4.71 14.55 -19.05
C LEU E 282 5.28 14.20 -20.43
N VAL E 283 4.83 13.09 -21.01
CA VAL E 283 5.29 12.71 -22.34
C VAL E 283 4.75 13.69 -23.39
N LEU E 284 3.57 14.27 -23.18
CA LEU E 284 3.08 15.31 -24.08
C LEU E 284 3.96 16.55 -24.01
N LEU E 285 4.49 16.83 -22.82
CA LEU E 285 5.40 18.01 -22.66
C LEU E 285 6.74 17.73 -23.35
N LEU E 286 7.26 16.50 -23.23
CA LEU E 286 8.57 16.19 -23.80
C LEU E 286 8.52 15.98 -25.31
N VAL E 287 7.45 15.35 -25.81
CA VAL E 287 7.35 15.05 -27.24
C VAL E 287 7.14 16.30 -28.06
N THR E 288 6.28 17.21 -27.58
CA THR E 288 5.97 18.44 -28.32
C THR E 288 7.12 19.46 -28.33
N SER E 289 8.31 19.14 -27.81
CA SER E 289 9.47 20.01 -27.96
C SER E 289 9.97 20.06 -29.39
N VAL E 290 9.60 19.08 -30.23
CA VAL E 290 9.96 19.14 -31.64
C VAL E 290 9.22 20.29 -32.32
N PHE E 291 8.01 20.61 -31.88
CA PHE E 291 7.31 21.80 -32.35
C PHE E 291 8.07 23.06 -31.97
N LEU E 292 8.61 23.09 -30.75
CA LEU E 292 9.40 24.23 -30.30
C LEU E 292 10.67 24.38 -31.15
N PHE E 293 11.35 23.26 -31.42
CA PHE E 293 12.58 23.31 -32.22
C PHE E 293 12.29 23.77 -33.64
N LEU E 294 11.22 23.26 -34.26
CA LEU E 294 10.91 23.66 -35.62
C LEU E 294 10.40 25.11 -35.67
N ASN E 295 9.71 25.56 -34.63
CA ASN E 295 9.28 26.95 -34.56
C ASN E 295 10.47 27.90 -34.41
N ILE E 296 11.43 27.54 -33.56
CA ILE E 296 12.65 28.35 -33.42
C ILE E 296 13.44 28.36 -34.72
N ALA E 297 13.49 27.22 -35.41
CA ALA E 297 14.18 27.15 -36.69
C ALA E 297 13.53 28.06 -37.73
N LEU E 298 12.21 27.99 -37.87
CA LEU E 298 11.52 28.82 -38.85
C LEU E 298 11.59 30.30 -38.51
N ILE E 299 11.46 30.64 -37.22
CA ILE E 299 11.56 32.04 -36.79
C ILE E 299 12.95 32.58 -37.06
N ASN E 300 13.99 31.80 -36.76
CA ASN E 300 15.35 32.27 -36.98
C ASN E 300 15.69 32.37 -38.46
N ILE E 301 15.16 31.46 -39.29
CA ILE E 301 15.32 31.59 -40.74
C ILE E 301 14.64 32.85 -41.26
N HIS E 302 13.44 33.15 -40.75
CA HIS E 302 12.74 34.37 -41.15
C HIS E 302 13.49 35.63 -40.74
N ILE E 303 14.05 35.63 -39.52
CA ILE E 303 14.83 36.78 -39.04
C ILE E 303 16.09 36.96 -39.88
N ASN E 304 16.78 35.85 -40.18
CA ASN E 304 18.00 35.91 -40.99
C ASN E 304 17.70 36.39 -42.40
N ALA E 305 16.61 35.92 -43.00
CA ALA E 305 16.22 36.39 -44.33
C ALA E 305 15.80 37.84 -44.32
N SER E 306 15.13 38.28 -43.25
CA SER E 306 14.71 39.69 -43.15
C SER E 306 15.92 40.61 -43.01
N ILE E 307 16.92 40.22 -42.21
CA ILE E 307 18.10 41.07 -42.08
C ILE E 307 19.03 40.94 -43.26
N ASN E 308 18.96 39.85 -44.03
CA ASN E 308 19.76 39.76 -45.24
C ASN E 308 19.14 40.57 -46.37
N GLY E 309 17.81 40.58 -46.46
CA GLY E 309 17.15 41.41 -47.46
C GLY E 309 17.31 42.89 -47.16
N TYR E 310 17.25 43.27 -45.88
CA TYR E 310 17.41 44.67 -45.50
C TYR E 310 18.84 45.17 -45.75
N ARG E 311 19.83 44.34 -45.44
CA ARG E 311 21.23 44.72 -45.65
C ARG E 311 21.65 44.50 -47.09
N ARG E 325 9.00 46.86 -40.48
CA ARG E 325 9.78 45.70 -40.92
C ARG E 325 8.88 44.64 -41.54
N PHE E 326 9.37 43.40 -41.56
CA PHE E 326 8.63 42.26 -42.12
C PHE E 326 8.06 41.37 -41.02
N SER E 327 7.53 41.99 -39.96
CA SER E 327 7.01 41.26 -38.81
C SER E 327 5.70 40.54 -39.09
N SER E 328 5.08 40.75 -40.26
CA SER E 328 3.86 40.04 -40.60
C SER E 328 4.09 38.54 -40.71
N LEU E 329 5.23 38.14 -41.27
CA LEU E 329 5.55 36.72 -41.36
C LEU E 329 5.80 36.12 -39.97
N ILE E 330 6.43 36.88 -39.08
CA ILE E 330 6.65 36.43 -37.71
C ILE E 330 5.33 36.26 -36.99
N VAL E 331 4.42 37.21 -37.17
CA VAL E 331 3.09 37.13 -36.55
C VAL E 331 2.32 35.93 -37.07
N LEU E 332 2.37 35.70 -38.39
CA LEU E 332 1.66 34.56 -38.98
C LEU E 332 2.25 33.24 -38.51
N THR E 333 3.58 33.14 -38.43
CA THR E 333 4.22 31.91 -37.96
C THR E 333 3.88 31.62 -36.51
N SER E 334 3.97 32.63 -35.64
CA SER E 334 3.67 32.42 -34.23
C SER E 334 2.19 32.15 -33.99
N THR E 335 1.31 32.73 -34.80
CA THR E 335 -0.12 32.48 -34.63
C THR E 335 -0.53 31.12 -35.17
N VAL E 336 0.15 30.63 -36.22
CA VAL E 336 -0.05 29.25 -36.65
C VAL E 336 0.46 28.28 -35.59
N PHE E 337 1.63 28.55 -35.01
CA PHE E 337 2.18 27.69 -33.98
C PHE E 337 1.44 27.78 -32.65
N ILE E 338 0.60 28.80 -32.47
CA ILE E 338 -0.16 28.98 -31.21
C ILE E 338 -1.53 28.29 -31.35
N PHE E 339 -1.96 28.01 -32.58
CA PHE E 339 -3.28 27.43 -32.81
C PHE E 339 -3.25 25.91 -32.97
N ILE E 340 -2.07 25.31 -33.14
CA ILE E 340 -1.98 23.85 -33.11
C ILE E 340 -2.37 23.27 -31.75
N PRO E 341 -1.90 23.79 -30.60
CA PRO E 341 -2.45 23.28 -29.33
C PRO E 341 -3.85 23.79 -29.02
N PHE E 342 -4.26 24.93 -29.59
CA PHE E 342 -5.62 25.43 -29.36
C PHE E 342 -6.65 24.51 -29.97
N THR E 343 -6.35 23.91 -31.13
CA THR E 343 -7.28 22.96 -31.74
C THR E 343 -7.40 21.70 -30.88
N LEU E 344 -6.29 21.22 -30.33
CA LEU E 344 -6.34 20.06 -29.43
C LEU E 344 -7.16 20.37 -28.18
N SER E 345 -6.95 21.54 -27.59
CA SER E 345 -7.69 21.93 -26.39
C SER E 345 -9.17 22.08 -26.69
N LEU E 346 -9.53 22.65 -27.85
CA LEU E 346 -10.94 22.80 -28.21
C LEU E 346 -11.58 21.46 -28.53
N ALA E 347 -10.84 20.56 -29.17
CA ALA E 347 -11.37 19.22 -29.44
C ALA E 347 -11.63 18.45 -28.15
N MET E 348 -10.68 18.53 -27.21
CA MET E 348 -10.88 17.85 -25.93
C MET E 348 -12.01 18.48 -25.12
N PHE E 349 -12.15 19.81 -25.19
CA PHE E 349 -13.25 20.48 -24.50
C PHE E 349 -14.61 20.10 -25.09
N LEU E 350 -14.71 20.04 -26.42
CA LEU E 350 -15.96 19.65 -27.05
C LEU E 350 -16.28 18.18 -26.80
N LEU E 351 -15.27 17.32 -26.76
CA LEU E 351 -15.49 15.92 -26.42
C LEU E 351 -15.96 15.76 -24.97
N LEU E 352 -15.39 16.55 -24.06
CA LEU E 352 -15.83 16.49 -22.66
C LEU E 352 -17.25 17.00 -22.49
N ILE E 353 -17.61 18.08 -23.20
CA ILE E 353 -18.98 18.59 -23.14
C ILE E 353 -19.95 17.56 -23.73
N PHE E 354 -19.58 16.93 -24.84
CA PHE E 354 -20.43 15.92 -25.45
C PHE E 354 -20.61 14.71 -24.54
N SER E 355 -19.53 14.27 -23.88
CA SER E 355 -19.64 13.16 -22.94
C SER E 355 -20.50 13.51 -21.73
N MET E 356 -20.35 14.73 -21.21
CA MET E 356 -21.17 15.15 -20.07
C MET E 356 -22.64 15.28 -20.44
N TRP E 357 -22.94 15.78 -21.63
CA TRP E 357 -24.32 15.90 -22.06
C TRP E 357 -24.94 14.52 -22.33
N LYS E 358 -24.15 13.61 -22.91
CA LYS E 358 -24.63 12.24 -23.12
C LYS E 358 -24.90 11.54 -21.79
N HIS E 359 -24.03 11.76 -20.80
CA HIS E 359 -24.25 11.18 -19.47
C HIS E 359 -25.46 11.79 -18.77
N ARG E 360 -25.67 13.10 -18.95
CA ARG E 360 -26.83 13.75 -18.37
C ARG E 360 -28.12 13.26 -19.01
N LYS E 361 -28.11 13.01 -20.31
CA LYS E 361 -29.28 12.45 -20.97
C LYS E 361 -29.49 10.99 -20.58
N LYS E 362 -28.41 10.26 -20.30
CA LYS E 362 -28.53 8.90 -19.78
C LYS E 362 -29.12 8.89 -18.37
N MET E 363 -28.80 9.89 -17.56
CA MET E 363 -29.32 10.01 -16.19
C MET E 363 -30.73 10.58 -16.13
N GLN E 364 -31.45 10.61 -17.24
CA GLN E 364 -32.85 11.03 -17.24
C GLN E 364 -33.79 10.01 -17.84
N HIS E 365 -33.28 8.90 -18.38
CA HIS E 365 -34.11 7.86 -18.96
C HIS E 365 -34.15 6.57 -18.15
N THR E 366 -33.07 6.22 -17.47
CA THR E 366 -33.02 5.00 -16.66
C THR E 366 -33.34 5.27 -15.19
N VAL E 367 -32.65 6.22 -14.57
CA VAL E 367 -32.91 6.62 -13.20
C VAL E 367 -33.33 8.08 -13.20
N LYS E 368 -34.33 8.41 -12.37
CA LYS E 368 -34.82 9.77 -12.23
C LYS E 368 -34.25 10.49 -11.02
N ILE E 369 -34.15 9.80 -9.89
CA ILE E 369 -33.60 10.39 -8.67
C ILE E 369 -32.08 10.45 -8.81
N SER E 370 -31.51 11.61 -8.47
CA SER E 370 -30.06 11.79 -8.55
C SER E 370 -29.52 12.35 -7.24
N ARG E 376 -21.64 18.39 -10.59
CA ARG E 376 -21.60 19.09 -11.87
C ARG E 376 -21.65 20.59 -11.68
N ALA E 377 -20.47 21.21 -11.57
CA ALA E 377 -20.36 22.65 -11.36
C ALA E 377 -20.32 23.35 -12.71
N HIS E 378 -21.37 24.11 -13.01
CA HIS E 378 -21.43 24.88 -14.25
C HIS E 378 -20.72 26.22 -14.16
N ARG E 379 -20.37 26.66 -12.95
CA ARG E 379 -19.62 27.91 -12.80
C ARG E 379 -18.21 27.78 -13.37
N GLY E 380 -17.65 26.57 -13.33
CA GLY E 380 -16.37 26.34 -13.98
C GLY E 380 -16.45 26.41 -15.49
N VAL E 381 -17.53 25.85 -16.06
CA VAL E 381 -17.58 25.69 -17.51
C VAL E 381 -18.19 26.90 -18.23
N LYS E 382 -19.02 27.69 -17.55
CA LYS E 382 -19.62 28.85 -18.21
C LYS E 382 -18.59 29.92 -18.51
N SER E 383 -17.70 30.22 -17.56
CA SER E 383 -16.64 31.18 -17.78
C SER E 383 -15.65 30.70 -18.82
N VAL E 384 -15.40 29.39 -18.87
CA VAL E 384 -14.49 28.84 -19.86
C VAL E 384 -15.07 28.96 -21.27
N ILE E 385 -16.38 28.67 -21.43
CA ILE E 385 -17.04 28.84 -22.72
C ILE E 385 -17.06 30.31 -23.12
N THR E 386 -17.30 31.21 -22.15
CA THR E 386 -17.27 32.64 -22.41
C THR E 386 -15.87 33.10 -22.82
N PHE E 387 -14.82 32.50 -22.25
CA PHE E 387 -13.47 32.90 -22.62
C PHE E 387 -13.07 32.39 -24.00
N PHE E 388 -13.42 31.14 -24.34
CA PHE E 388 -13.24 30.69 -25.72
C PHE E 388 -14.04 31.51 -26.73
N LEU E 389 -15.20 32.03 -26.35
CA LEU E 389 -15.94 32.91 -27.25
C LEU E 389 -15.33 34.31 -27.34
N LEU E 390 -14.81 34.84 -26.23
CA LEU E 390 -14.33 36.22 -26.21
C LEU E 390 -12.92 36.36 -26.75
N TYR E 391 -12.10 35.32 -26.63
CA TYR E 391 -10.72 35.41 -27.11
C TYR E 391 -10.59 35.08 -28.59
N ALA E 392 -11.44 34.20 -29.11
CA ALA E 392 -11.35 33.78 -30.51
C ALA E 392 -11.84 34.84 -31.48
N ILE E 393 -12.56 35.86 -31.02
CA ILE E 393 -12.93 36.95 -31.90
C ILE E 393 -11.81 37.98 -32.01
N PHE E 394 -11.13 38.28 -30.91
CA PHE E 394 -9.98 39.19 -30.95
C PHE E 394 -8.76 38.57 -31.60
N SER E 395 -8.53 37.26 -31.39
CA SER E 395 -7.42 36.60 -32.07
C SER E 395 -7.68 36.46 -33.56
N LEU E 396 -8.94 36.49 -33.98
CA LEU E 396 -9.27 36.49 -35.41
C LEU E 396 -9.25 37.90 -36.00
N SER E 397 -9.60 38.91 -35.20
CA SER E 397 -9.44 40.30 -35.64
C SER E 397 -7.97 40.70 -35.72
N PHE E 398 -7.10 40.02 -34.97
CA PHE E 398 -5.66 40.23 -35.11
C PHE E 398 -5.13 39.81 -36.47
N PHE E 399 -5.81 38.86 -37.14
CA PHE E 399 -5.43 38.52 -38.52
C PHE E 399 -5.70 39.66 -39.48
N ILE E 400 -6.80 40.41 -39.28
CA ILE E 400 -7.26 41.36 -40.28
C ILE E 400 -6.27 42.51 -40.45
N SER E 401 -5.70 43.00 -39.34
CA SER E 401 -4.78 44.12 -39.42
C SER E 401 -3.42 43.72 -39.95
N VAL E 402 -3.04 42.44 -39.79
CA VAL E 402 -1.67 42.03 -40.09
C VAL E 402 -1.60 41.24 -41.40
N TRP E 403 -2.27 40.10 -41.48
CA TRP E 403 -2.08 39.21 -42.63
C TRP E 403 -2.84 39.72 -43.86
N THR E 404 -4.15 39.87 -43.75
CA THR E 404 -4.94 40.35 -44.87
C THR E 404 -4.81 41.86 -45.07
N SER E 405 -4.30 42.57 -44.07
CA SER E 405 -4.07 44.03 -44.10
C SER E 405 -5.33 44.83 -44.42
N GLU E 410 0.93 50.99 -38.04
CA GLU E 410 1.33 52.11 -37.19
C GLU E 410 1.63 51.65 -35.77
N ASN E 411 0.59 51.31 -35.02
CA ASN E 411 0.74 50.84 -33.64
C ASN E 411 0.84 49.32 -33.57
N LEU E 412 1.68 48.76 -34.44
CA LEU E 412 1.74 47.30 -34.59
C LEU E 412 2.47 46.65 -33.42
N ILE E 413 3.57 47.26 -32.96
CA ILE E 413 4.35 46.67 -31.88
C ILE E 413 3.56 46.67 -30.58
N ILE E 414 2.95 47.81 -30.25
CA ILE E 414 2.18 47.90 -29.01
C ILE E 414 0.91 47.06 -29.10
N LEU E 415 0.28 47.00 -30.29
CA LEU E 415 -0.92 46.17 -30.43
C LEU E 415 -0.59 44.68 -30.30
N SER E 416 0.56 44.27 -30.86
CA SER E 416 0.98 42.87 -30.75
C SER E 416 1.40 42.53 -29.32
N GLN E 417 2.01 43.48 -28.61
CA GLN E 417 2.35 43.24 -27.21
C GLN E 417 1.11 43.18 -26.34
N VAL E 418 0.06 43.92 -26.69
CA VAL E 418 -1.22 43.82 -25.98
C VAL E 418 -1.86 42.46 -26.25
N MET E 419 -1.88 42.03 -27.51
CA MET E 419 -2.48 40.74 -27.85
C MET E 419 -1.70 39.56 -27.31
N GLY E 420 -0.39 39.70 -27.12
CA GLY E 420 0.40 38.64 -26.51
C GLY E 420 0.31 38.58 -25.01
N MET E 421 -0.30 39.59 -24.38
CA MET E 421 -0.50 39.62 -22.94
C MET E 421 -1.96 39.49 -22.54
N ALA E 422 -2.78 38.87 -23.39
CA ALA E 422 -4.18 38.67 -23.08
C ALA E 422 -4.50 37.27 -22.59
N TYR E 423 -3.97 36.25 -23.27
CA TYR E 423 -4.16 34.88 -22.79
C TYR E 423 -3.48 34.61 -21.44
N PRO E 424 -2.18 34.92 -21.23
CA PRO E 424 -1.59 34.63 -19.91
C PRO E 424 -2.13 35.50 -18.79
N SER E 425 -2.77 36.62 -19.10
CA SER E 425 -3.32 37.49 -18.07
C SER E 425 -4.72 37.08 -17.64
N CYS E 426 -5.63 36.90 -18.60
CA CYS E 426 -7.02 36.65 -18.28
C CYS E 426 -7.34 35.15 -18.16
N HIS E 427 -6.56 34.28 -18.79
CA HIS E 427 -6.80 32.86 -18.59
C HIS E 427 -6.43 32.41 -17.19
N SER E 428 -5.52 33.11 -16.52
CA SER E 428 -5.27 32.84 -15.11
C SER E 428 -6.49 33.16 -14.25
N CYS E 429 -7.18 34.26 -14.57
CA CYS E 429 -8.42 34.59 -13.85
C CYS E 429 -9.52 33.60 -14.18
N VAL E 430 -9.55 33.07 -15.40
CA VAL E 430 -10.48 31.99 -15.73
C VAL E 430 -10.16 30.73 -14.93
N LEU E 431 -8.88 30.40 -14.79
CA LEU E 431 -8.48 29.22 -14.04
C LEU E 431 -8.70 29.39 -12.54
N ILE E 432 -8.72 30.62 -12.05
CA ILE E 432 -9.02 30.85 -10.64
C ILE E 432 -10.48 30.54 -10.35
N LEU E 433 -11.38 31.10 -11.16
CA LEU E 433 -12.84 30.77 -11.02
C LEU E 433 -13.08 29.45 -11.75
N GLY E 434 -13.04 28.33 -11.03
CA GLY E 434 -13.17 27.04 -11.64
C GLY E 434 -12.32 25.99 -10.96
N ASN E 435 -11.47 26.42 -10.03
CA ASN E 435 -10.78 25.53 -9.11
C ASN E 435 -11.30 25.82 -7.70
N LYS E 436 -11.54 24.76 -6.93
CA LYS E 436 -12.13 24.91 -5.61
C LYS E 436 -11.17 25.61 -4.65
N LYS E 437 -9.88 25.24 -4.71
CA LYS E 437 -8.89 25.79 -3.77
C LYS E 437 -8.63 27.27 -4.05
N LEU E 438 -8.46 27.64 -5.32
CA LEU E 438 -8.17 29.03 -5.65
C LEU E 438 -9.38 29.93 -5.40
N ARG E 439 -10.59 29.43 -5.69
CA ARG E 439 -11.79 30.20 -5.38
C ARG E 439 -11.98 30.36 -3.88
N GLN E 440 -11.70 29.31 -3.10
CA GLN E 440 -11.78 29.42 -1.65
C GLN E 440 -10.75 30.41 -1.10
N ALA E 441 -9.53 30.40 -1.65
CA ALA E 441 -8.50 31.34 -1.21
C ALA E 441 -8.86 32.77 -1.59
N SER E 442 -9.46 32.97 -2.77
CA SER E 442 -9.90 34.31 -3.16
C SER E 442 -11.05 34.79 -2.29
N LEU E 443 -11.96 33.89 -1.92
CA LEU E 443 -13.03 34.26 -1.00
C LEU E 443 -12.49 34.62 0.38
N SER E 444 -11.56 33.80 0.85
CA SER E 444 -10.96 34.08 2.17
C SER E 444 -10.29 35.44 2.08
N VAL E 445 -9.57 35.66 0.98
CA VAL E 445 -8.87 36.96 0.79
C VAL E 445 -9.88 38.09 0.97
N LEU E 446 -10.97 38.04 0.21
CA LEU E 446 -11.89 39.19 0.27
C LEU E 446 -12.46 39.30 1.69
N LEU E 447 -12.79 38.17 2.29
CA LEU E 447 -13.27 38.23 3.69
C LEU E 447 -12.28 39.08 4.47
N TRP E 448 -10.99 38.75 4.33
CA TRP E 448 -9.99 39.46 5.12
C TRP E 448 -9.92 40.93 4.74
N LEU E 449 -10.16 41.23 3.46
CA LEU E 449 -10.20 42.65 3.03
C LEU E 449 -11.37 43.34 3.73
N ARG E 450 -12.54 42.70 3.71
CA ARG E 450 -13.71 43.30 4.35
C ARG E 450 -13.55 43.40 5.87
N TYR E 451 -12.87 42.43 6.48
CA TYR E 451 -12.67 42.45 7.92
C TYR E 451 -11.62 43.49 8.33
N MET E 452 -10.69 43.79 7.44
CA MET E 452 -9.61 44.77 7.74
C MET E 452 -10.20 46.18 7.76
N PHE E 453 -11.26 46.42 7.00
CA PHE E 453 -11.90 47.75 6.94
C PHE E 453 -12.97 47.85 8.02
C10 A1AEI F . -12.52 23.23 -18.19
C13 A1AEI F . -10.20 22.58 -21.12
C20 A1AEI F . -10.31 20.41 -22.12
C21 A1AEI F . -11.27 20.04 -21.20
C22 A1AEI F . -11.69 20.95 -20.23
C01 A1AEI F . -13.08 25.25 -15.15
C02 A1AEI F . -13.27 24.20 -16.24
C03 A1AEI F . -14.34 23.32 -16.20
C04 A1AEI F . -14.45 22.39 -17.22
C05 A1AEI F . -15.60 21.39 -17.24
C12 A1AEI F . -11.15 22.22 -20.19
C14 A1AEI F . -9.62 23.99 -21.05
C19 A1AEI F . -9.77 21.69 -22.09
F06 A1AEI F . -16.58 21.82 -16.39
F07 A1AEI F . -16.11 21.30 -18.49
F08 A1AEI F . -15.15 20.18 -16.84
N09 A1AEI F . -13.54 22.38 -18.18
N11 A1AEI F . -11.51 23.25 -19.22
N15 A1AEI F . -8.47 24.34 -20.46
N16 A1AEI F . -8.31 25.67 -20.61
N17 A1AEI F . -9.36 26.14 -21.29
N18 A1AEI F . -10.17 25.10 -21.57
N23 A1AEI F . -12.40 24.12 -17.22
C1 CLR G . 8.57 42.66 -32.15
C2 CLR G . 8.85 44.14 -31.95
C3 CLR G . 10.01 44.42 -30.98
C4 CLR G . 9.71 43.75 -29.62
C5 CLR G . 8.64 42.67 -29.59
C6 CLR G . 7.91 42.52 -28.47
C7 CLR G . 6.81 41.45 -28.32
C8 CLR G . 6.77 40.46 -29.51
C9 CLR G . 7.07 41.20 -30.84
C10 CLR G . 8.48 41.81 -30.86
C11 CLR G . 6.74 40.33 -32.06
C12 CLR G . 5.28 39.83 -32.02
C13 CLR G . 5.05 38.97 -30.75
C14 CLR G . 5.37 39.92 -29.55
C15 CLR G . 4.86 39.16 -28.28
C16 CLR G . 3.51 38.54 -28.82
C17 CLR G . 3.56 38.61 -30.42
C18 CLR G . 5.93 37.71 -30.72
C19 CLR G . 9.54 40.66 -30.88
C20 CLR G . 3.00 37.32 -31.05
C21 CLR G . 2.65 37.37 -32.56
C22 CLR G . 1.68 36.94 -30.28
C23 CLR G . 0.45 37.76 -30.69
C24 CLR G . -0.71 37.07 -29.91
C25 CLR G . -0.98 35.68 -30.54
C26 CLR G . -1.96 34.93 -29.59
C27 CLR G . -1.44 35.74 -32.00
O1 CLR G . 11.29 44.06 -31.48
#